data_2MK7
#
_entry.id   2MK7
#
loop_
_entity.id
_entity.type
_entity.pdbx_description
1 polymer Alpha-dystroglycan
2 non-polymer 2-acetamido-2-deoxy-alpha-D-galactopyranose
#
_entity_poly.entity_id   1
_entity_poly.type   'polypeptide(L)'
_entity_poly.pdbx_seq_one_letter_code
;(ACE)PPTTTTKKP(NH2)
;
_entity_poly.pdbx_strand_id   A
#
loop_
_chem_comp.id
_chem_comp.type
_chem_comp.name
_chem_comp.formula
A2G D-saccharide, alpha linking 2-acetamido-2-deoxy-alpha-D-galactopyranose 'C8 H15 N O6'
ACE non-polymer 'ACETYL GROUP' 'C2 H4 O'
NH2 non-polymer 'AMINO GROUP' 'H2 N'
#
# COMPACT_ATOMS: atom_id res chain seq x y z
C ACE A 1 2.47 -6.60 10.82
O ACE A 1 2.99 -7.00 9.78
CH3 ACE A 1 3.25 -5.76 11.83
H1 ACE A 1 2.93 -4.74 11.78
H2 ACE A 1 4.31 -5.82 11.60
H3 ACE A 1 3.08 -6.15 12.83
N PRO A 2 1.22 -6.88 11.12
CA PRO A 2 0.34 -7.69 10.24
C PRO A 2 0.46 -7.27 8.78
N PRO A 3 0.01 -8.12 7.88
CA PRO A 3 0.06 -7.84 6.42
C PRO A 3 -0.38 -6.42 6.09
N THR A 4 0.57 -5.61 5.65
CA THR A 4 0.27 -4.22 5.29
C THR A 4 0.02 -4.09 3.80
N THR A 5 -0.53 -2.95 3.40
CA THR A 5 -0.83 -2.72 1.98
C THR A 5 -0.36 -1.33 1.57
N THR A 6 0.16 -1.23 0.35
CA THR A 6 0.64 0.05 -0.17
C THR A 6 -0.35 0.63 -1.17
N THR A 7 -0.36 1.96 -1.28
CA THR A 7 -1.26 2.63 -2.21
C THR A 7 -0.52 3.03 -3.48
N LYS A 8 -1.21 2.93 -4.62
CA LYS A 8 -0.61 3.29 -5.89
C LYS A 8 -0.65 4.80 -6.10
N LYS A 9 0.52 5.38 -6.36
CA LYS A 9 0.61 6.82 -6.58
C LYS A 9 -0.19 7.23 -7.82
N PRO A 10 -1.01 8.25 -7.68
CA PRO A 10 -1.85 8.75 -8.79
C PRO A 10 -1.08 8.86 -10.10
N NH2 A 11 0.21 9.04 -10.07
HN1 NH2 A 11 0.61 9.61 -9.38
HN2 NH2 A 11 0.79 8.63 -10.75
O5 A2G B . 3.54 -1.63 4.65
C1 A2G B . 3.02 -2.79 4.04
C2 A2G B . 4.15 -3.43 3.22
N2 A2G B . 3.66 -4.64 2.56
C3 A2G B . 5.32 -3.76 4.14
O3 A2G B . 6.41 -4.23 3.36
C4 A2G B . 5.74 -2.51 4.90
O4 A2G B . 6.27 -1.56 3.99
C5 A2G B . 4.52 -1.91 5.62
C6 A2G B . 4.92 -0.61 6.31
O6 A2G B . 6.19 -0.77 6.94
C7 A2G B . 3.66 -4.74 1.23
O7 A2G B . 4.07 -3.86 0.49
C8 A2G B . 3.07 -6.03 0.66
H1 A2G B . 2.20 -2.54 3.39
H2 A2G B . 4.47 -2.72 2.47
HN2 A2G B . 3.33 -5.38 3.10
H3 A2G B . 5.02 -4.53 4.84
HO3 A2G B . 6.16 -4.19 2.43
H4 A2G B . 6.49 -2.77 5.63
HO4 A2G B . 5.63 -0.85 3.89
H5 A2G B . 4.15 -2.61 6.34
H61 A2G B . 4.99 0.18 5.58
H81 A2G B . 3.75 -6.86 0.84
H82 A2G B . 2.91 -5.92 -0.40
H83 A2G B . 2.13 -6.23 1.15
H62 A2G B . 4.18 -0.35 7.05
HO6 A2G B . 6.26 -1.68 7.25
O5 A2G C . -4.62 -1.49 0.76
C1 A2G C . -3.59 -0.89 1.51
C2 A2G C . -4.19 0.25 2.34
N2 A2G C . -3.16 0.91 3.12
C3 A2G C . -5.29 -0.32 3.25
O3 A2G C . -5.94 0.75 3.92
C4 A2G C . -6.30 -1.10 2.42
O4 A2G C . -7.00 -0.20 1.57
C5 A2G C . -5.57 -2.15 1.57
C6 A2G C . -6.57 -2.87 0.66
O6 A2G C . -7.64 -3.36 1.45
C7 A2G C . -2.90 2.20 2.98
O7 A2G C . -3.49 2.92 2.17
C8 A2G C . -1.83 2.78 3.89
H1 A2G C . -2.84 -0.48 0.84
H2 A2G C . -4.64 0.97 1.66
HN2 A2G C . -2.66 0.38 3.79
H3 A2G C . -4.83 -0.98 3.98
HO3 A2G C . -5.65 0.75 4.84
H4 A2G C . -7.00 -1.60 3.07
HO4 A2G C . -6.51 0.62 1.54
H5 A2G C . -5.08 -2.86 2.22
H61 A2G C . -6.95 -2.18 -0.07
H81 A2G C . -2.30 3.19 4.77
H82 A2G C . -1.30 3.56 3.37
H83 A2G C . -1.13 2.00 4.18
H62 A2G C . -6.08 -3.69 0.18
HO6 A2G C . -8.12 -2.61 1.81
O5 A2G D . 3.32 0.27 -3.36
C1 A2G D . 1.98 -0.15 -3.18
C2 A2G D . 1.60 -1.04 -4.37
N2 A2G D . 0.22 -1.49 -4.24
C3 A2G D . 2.54 -2.24 -4.43
O3 A2G D . 2.28 -2.98 -5.61
C4 A2G D . 4.00 -1.75 -4.44
O4 A2G D . 4.25 -1.08 -5.67
C5 A2G D . 4.24 -0.80 -3.28
C6 A2G D . 5.65 -0.23 -3.36
O6 A2G D . 6.49 -1.14 -4.06
C7 A2G D . -0.69 -1.19 -5.15
O7 A2G D . -0.44 -0.53 -6.17
C8 A2G D . -2.11 -1.66 -4.87
H1 A2G D . 1.34 0.71 -3.16
H2 A2G D . 1.70 -0.46 -5.28
HN2 A2G D . -0.04 -2.01 -3.45
H3 A2G D . 2.39 -2.87 -3.56
HO3 A2G D . 2.84 -2.64 -6.31
H4 A2G D . 4.66 -2.60 -4.36
HO4 A2G D . 5.08 -1.40 -6.01
H5 A2G D . 4.12 -1.32 -2.34
H61 A2G D . 5.63 0.72 -3.88
H81 A2G D . -2.25 -2.65 -5.27
H82 A2G D . -2.82 -0.98 -5.33
H83 A2G D . -2.28 -1.67 -3.81
H62 A2G D . 6.05 -0.09 -2.36
HO6 A2G D . 7.25 -1.34 -3.51
O5 A2G E . -1.93 6.74 -1.82
C1 A2G E . -0.82 5.90 -2.08
C2 A2G E . 0.47 6.70 -1.79
N2 A2G E . 1.63 5.88 -2.06
C3 A2G E . 0.45 7.16 -0.33
O3 A2G E . 1.57 8.02 -0.11
C4 A2G E . -0.85 7.91 -0.04
O4 A2G E . -0.86 9.14 -0.76
C5 A2G E . -2.04 7.06 -0.46
C6 A2G E . -3.33 7.87 -0.26
O6 A2G E . -3.05 9.05 0.49
C7 A2G E . 2.53 6.24 -2.97
O7 A2G E . 2.44 7.27 -3.64
C8 A2G E . 3.68 5.26 -3.20
H1 A2G E . -0.82 5.60 -3.11
H2 A2G E . 0.49 7.57 -2.44
HN2 A2G E . 1.76 5.05 -1.56
H3 A2G E . 0.53 6.30 0.31
HO3 A2G E . 2.37 7.51 -0.26
H4 A2G E . -0.90 8.13 1.02
HO4 A2G E . -1.72 9.24 -1.17
H5 A2G E . -2.08 6.17 0.15
H61 A2G E . -3.74 8.14 -1.22
H81 A2G E . 4.60 5.69 -2.82
H82 A2G E . 3.79 5.08 -4.26
H83 A2G E . 3.47 4.34 -2.70
H62 A2G E . -4.06 7.27 0.28
HO6 A2G E . -3.77 9.17 1.11
C ACE A 1 -1.64 -7.14 10.78
O ACE A 1 -1.47 -6.07 10.18
CH3 ACE A 1 -3.04 -7.67 11.06
H1 ACE A 1 -3.09 -8.00 12.08
H2 ACE A 1 -3.25 -8.50 10.40
H3 ACE A 1 -3.76 -6.89 10.89
N PRO A 2 -0.63 -7.86 11.18
CA PRO A 2 0.79 -7.47 10.98
C PRO A 2 1.04 -6.96 9.56
N PRO A 3 0.68 -7.73 8.58
CA PRO A 3 0.86 -7.36 7.14
C PRO A 3 0.47 -5.91 6.86
N THR A 4 0.87 -5.41 5.70
CA THR A 4 0.54 -4.04 5.33
C THR A 4 0.29 -3.94 3.82
N THR A 5 -0.29 -2.82 3.41
CA THR A 5 -0.59 -2.61 1.99
C THR A 5 -0.16 -1.22 1.55
N THR A 6 0.32 -1.11 0.31
CA THR A 6 0.76 0.17 -0.22
C THR A 6 -0.28 0.75 -1.18
N THR A 7 -0.27 2.07 -1.32
CA THR A 7 -1.23 2.73 -2.22
C THR A 7 -0.56 3.09 -3.54
N LYS A 8 -1.31 2.97 -4.63
CA LYS A 8 -0.78 3.29 -5.95
C LYS A 8 -0.80 4.79 -6.18
N LYS A 9 0.18 5.29 -6.92
CA LYS A 9 0.26 6.72 -7.21
C LYS A 9 -0.93 7.16 -8.04
N PRO A 10 -1.34 8.40 -7.88
CA PRO A 10 -2.50 8.97 -8.61
C PRO A 10 -2.49 8.59 -10.10
N NH2 A 11 -3.62 8.49 -10.74
HN1 NH2 A 11 -4.34 7.95 -10.37
HN2 NH2 A 11 -3.74 8.96 -11.60
O5 A2G B . 3.84 -1.43 4.69
C1 A2G B . 3.29 -2.59 4.07
C2 A2G B . 4.38 -3.23 3.22
N2 A2G B . 3.86 -4.42 2.56
C3 A2G B . 5.57 -3.60 4.11
O3 A2G B . 6.63 -4.08 3.31
C4 A2G B . 6.03 -2.36 4.90
O4 A2G B . 6.58 -1.42 4.01
C5 A2G B . 4.83 -1.74 5.63
C6 A2G B . 5.27 -0.46 6.32
O6 A2G B . 6.31 -0.74 7.24
C7 A2G B . 3.86 -4.52 1.23
O7 A2G B . 4.28 -3.63 0.49
C8 A2G B . 3.32 -5.83 0.66
H1 A2G B . 2.47 -2.30 3.43
H2 A2G B . 4.72 -2.53 2.47
HN2 A2G B . 3.52 -5.17 3.10
H3 A2G B . 5.26 -4.37 4.80
HO3 A2G B . 6.30 -4.24 2.43
H4 A2G B . 6.78 -2.65 5.62
HO4 A2G B . 6.02 -0.64 4.02
H5 A2G B . 4.45 -2.44 6.36
H61 A2G B . 5.63 0.25 5.58
H81 A2G B . 3.87 -6.66 1.09
H82 A2G B . 3.44 -5.83 -0.41
H83 A2G B . 2.28 -5.93 0.90
H62 A2G B . 4.43 -0.03 6.85
HO6 A2G B . 7.07 -0.20 7.02
O5 A2G C . -4.41 -1.48 0.77
C1 A2G C . -3.39 -0.85 1.51
C2 A2G C . -4.03 0.27 2.33
N2 A2G C . -3.02 0.95 3.12
C3 A2G C . -5.10 -0.32 3.25
O3 A2G C . -5.78 0.73 3.91
C4 A2G C . -6.10 -1.13 2.41
O4 A2G C . -6.82 -0.25 1.56
C5 A2G C . -5.34 -2.15 1.58
C6 A2G C . -6.32 -2.91 0.68
O6 A2G C . -7.33 -3.51 1.48
C7 A2G C . -2.77 2.26 2.95
O7 A2G C . -3.37 2.95 2.13
C8 A2G C . -1.66 2.85 3.81
H1 A2G C . -2.65 -0.43 0.84
H2 A2G C . -4.49 0.98 1.66
HN2 A2G C . -2.51 0.46 3.78
H3 A2G C . -4.64 -0.97 3.98
HO3 A2G C . -5.14 1.21 4.45
H4 A2G C . -6.79 -1.64 3.08
HO4 A2G C . -6.44 -0.32 0.68
H5 A2G C . -4.84 -2.85 2.22
H61 A2G C . -6.78 -2.22 -0.01
H81 A2G C . -2.03 3.04 4.80
H82 A2G C . -1.31 3.77 3.36
H83 A2G C . -0.84 2.14 3.87
H62 A2G C . -5.79 -3.67 0.13
HO6 A2G C . -6.90 -4.16 2.05
O5 A2G D . 3.29 0.40 -3.52
C1 A2G D . 1.97 -0.04 -3.29
C2 A2G D . 1.57 -0.95 -4.46
N2 A2G D . 0.21 -1.43 -4.26
C3 A2G D . 2.53 -2.13 -4.54
O3 A2G D . 2.24 -2.91 -5.68
C4 A2G D . 3.96 -1.62 -4.62
O4 A2G D . 4.15 -0.93 -5.86
C5 A2G D . 4.24 -0.65 -3.47
C6 A2G D . 5.64 -0.05 -3.60
O6 A2G D . 6.45 -0.91 -4.39
C7 A2G D . -0.75 -1.16 -5.15
O7 A2G D . -0.55 -0.51 -6.16
C8 A2G D . -2.13 -1.73 -4.83
H1 A2G D . 1.31 0.80 -3.24
H2 A2G D . 1.61 -0.39 -5.38
HN2 A2G D . -0.01 -1.96 -3.47
H3 A2G D . 2.43 -2.75 -3.65
HO3 A2G D . 1.40 -2.62 -6.03
H4 A2G D . 4.66 -2.44 -4.56
HO4 A2G D . 4.81 -1.41 -6.37
H5 A2G D . 4.15 -1.17 -2.53
H61 A2G D . 5.58 0.92 -4.07
H81 A2G D . -2.22 -2.71 -5.27
H82 A2G D . -2.89 -1.08 -5.25
H83 A2G D . -2.26 -1.80 -3.76
H62 A2G D . 6.08 0.05 -2.62
HO6 A2G D . 6.36 -1.81 -4.04
O5 A2G E . -1.75 6.86 -1.85
C1 A2G E . -0.67 5.98 -2.12
C2 A2G E . 0.63 6.75 -1.88
N2 A2G E . 1.78 5.89 -2.15
C3 A2G E . 0.66 7.22 -0.43
O3 A2G E . 1.81 8.05 -0.23
C4 A2G E . -0.60 8.03 -0.13
O4 A2G E . -0.59 9.24 -0.89
C5 A2G E . -1.83 7.21 -0.49
C6 A2G E . -3.09 8.04 -0.28
O6 A2G E . -2.98 8.77 0.93
C7 A2G E . 2.67 6.21 -3.08
O7 A2G E . 2.60 7.23 -3.76
C8 A2G E . 3.80 5.21 -3.30
H1 A2G E . -0.71 5.67 -3.15
H2 A2G E . 0.66 7.60 -2.53
HN2 A2G E . 1.89 5.06 -1.64
H3 A2G E . 0.71 6.37 0.23
HO3 A2G E . 1.85 8.27 0.71
H4 A2G E . -0.63 8.27 0.92
HO4 A2G E . -1.48 9.60 -0.88
H5 A2G E . -1.87 6.32 0.12
H61 A2G E . -3.22 8.72 -1.11
H81 A2G E . 4.50 5.28 -2.49
H82 A2G E . 4.30 5.43 -4.23
H83 A2G E . 3.39 4.21 -3.34
H62 A2G E . -3.96 7.39 -0.22
HO6 A2G E . -3.70 8.51 1.51
C ACE A 1 1.42 -6.06 10.41
O ACE A 1 1.09 -5.14 9.66
CH3 ACE A 1 1.04 -6.05 11.88
H1 ACE A 1 0.24 -6.75 12.07
H2 ACE A 1 0.70 -5.06 12.16
H3 ACE A 1 1.90 -6.31 12.49
N PRO A 2 2.11 -7.08 9.99
CA PRO A 2 2.55 -7.24 8.58
C PRO A 2 1.44 -6.91 7.59
N PRO A 3 0.30 -7.54 7.75
CA PRO A 3 -0.87 -7.31 6.86
C PRO A 3 -1.10 -5.83 6.57
N THR A 4 -0.51 -5.34 5.49
CA THR A 4 -0.67 -3.94 5.13
C THR A 4 -0.69 -3.78 3.60
N THR A 5 -1.43 -2.79 3.13
CA THR A 5 -1.52 -2.56 1.69
C THR A 5 -0.71 -1.32 1.30
N THR A 6 -0.06 -1.40 0.14
CA THR A 6 0.76 -0.28 -0.33
C THR A 6 0.04 0.46 -1.46
N THR A 7 0.16 1.78 -1.45
CA THR A 7 -0.49 2.59 -2.48
C THR A 7 0.53 3.01 -3.55
N LYS A 8 0.03 3.61 -4.63
CA LYS A 8 0.90 4.05 -5.71
C LYS A 8 0.20 5.12 -6.55
N LYS A 9 0.73 6.34 -6.50
CA LYS A 9 0.15 7.43 -7.27
C LYS A 9 -1.29 7.13 -7.64
N PRO A 10 -2.18 7.20 -6.70
CA PRO A 10 -3.62 6.92 -6.91
C PRO A 10 -4.33 8.07 -7.63
N NH2 A 11 -3.61 8.94 -8.31
HN1 NH2 A 11 -3.76 9.04 -9.27
HN2 NH2 A 11 -2.94 9.47 -7.85
O5 A2G B . 2.97 -1.72 5.16
C1 A2G B . 2.44 -2.80 4.44
C2 A2G B . 3.60 -3.59 3.83
N2 A2G B . 3.10 -4.72 3.07
C3 A2G B . 4.52 -4.07 4.96
O3 A2G B . 5.66 -4.69 4.39
C4 A2G B . 4.95 -2.87 5.81
O4 A2G B . 5.77 -2.01 5.04
C5 A2G B . 3.70 -2.12 6.29
C6 A2G B . 4.14 -0.88 7.07
O6 A2G B . 5.48 -1.02 7.50
C7 A2G B . 3.35 -4.84 1.77
O7 A2G B . 4.00 -4.02 1.13
C8 A2G B . 2.80 -6.10 1.09
H1 A2G B . 1.80 -2.44 3.65
H2 A2G B . 4.15 -2.94 3.17
HN2 A2G B . 2.57 -5.42 3.53
H3 A2G B . 3.99 -4.79 5.58
HO3 A2G B . 6.44 -4.22 4.71
H4 A2G B . 5.50 -3.23 6.67
HO4 A2G B . 6.55 -2.51 4.76
H5 A2G B . 3.11 -2.76 6.91
H61 A2G B . 4.04 0.00 6.45
H81 A2G B . 3.55 -6.87 1.13
H82 A2G B . 2.56 -5.87 0.07
H83 A2G B . 1.91 -6.43 1.60
H62 A2G B . 3.49 -0.76 7.94
HO6 A2G B . 5.62 -0.45 8.25
O5 A2G C . -4.83 -0.46 0.22
C1 A2G C . -3.78 -0.15 1.11
C2 A2G C . -4.22 1.05 1.96
N2 A2G C . -3.15 1.43 2.88
C3 A2G C . -5.48 0.69 2.74
O3 A2G C . -5.96 1.83 3.42
C4 A2G C . -6.55 0.18 1.77
O4 A2G C . -6.97 1.25 0.93
C5 A2G C . -5.97 -0.95 0.90
C6 A2G C . -7.01 -1.38 -0.15
O6 A2G C . -8.30 -0.92 0.25
C7 A2G C . -2.58 2.62 2.84
O7 A2G C . -2.92 3.49 2.02
C8 A2G C . -1.45 2.88 3.82
H1 A2G C . -2.90 0.12 0.55
H2 A2G C . -4.43 1.88 1.31
HN2 A2G C . -2.84 0.77 3.54
H3 A2G C . -5.24 -0.09 3.45
HO3 A2G C . -6.23 2.47 2.76
H4 A2G C . -7.39 -0.20 2.32
HO4 A2G C . -7.79 0.98 0.49
H5 A2G C . -5.71 -1.79 1.51
H61 A2G C . -6.75 -0.94 -1.11
H81 A2G C . -1.83 3.42 4.67
H82 A2G C . -0.68 3.45 3.33
H83 A2G C . -1.05 1.93 4.16
H62 A2G C . -7.01 -2.45 -0.23
HO6 A2G C . -8.66 -1.58 0.85
O5 A2G D . 3.75 -0.82 -3.23
C1 A2G D . 2.35 -0.88 -3.18
C2 A2G D . 1.86 -1.64 -4.40
N2 A2G D . 0.40 -1.71 -4.40
C3 A2G D . 2.45 -3.05 -4.38
O3 A2G D . 2.10 -3.72 -5.59
C4 A2G D . 3.97 -2.97 -4.26
O4 A2G D . 4.50 -2.40 -5.45
C5 A2G D . 4.35 -2.09 -3.07
C6 A2G D . 5.87 -1.92 -3.01
O6 A2G D . 6.48 -2.85 -3.89
C7 A2G D . -0.32 -1.19 -5.39
O7 A2G D . 0.18 -0.61 -6.35
C8 A2G D . -1.83 -1.30 -5.26
H1 A2G D . 1.95 0.13 -3.20
H2 A2G D . 2.18 -1.13 -5.29
HN2 A2G D . -0.06 -2.15 -3.66
H3 A2G D . 2.05 -3.60 -3.54
HO3 A2G D . 2.02 -3.07 -6.29
H4 A2G D . 4.37 -3.95 -4.13
HO4 A2G D . 5.21 -2.97 -5.76
H5 A2G D . 4.00 -2.55 -2.16
H61 A2G D . 6.13 -0.91 -3.33
H81 A2G D . -2.19 -2.09 -5.91
H82 A2G D . -2.30 -0.38 -5.55
H83 A2G D . -2.10 -1.54 -4.24
H62 A2G D . 6.22 -2.09 -2.01
HO6 A2G D . 6.56 -2.43 -4.75
O5 A2G E . -0.96 6.72 -1.94
C1 A2G E . 0.12 5.83 -2.10
C2 A2G E . 1.39 6.53 -1.60
N2 A2G E . 2.53 5.65 -1.75
C3 A2G E . 1.21 6.92 -0.13
O3 A2G E . 2.32 7.69 0.29
C4 A2G E . -0.08 7.74 0.02
O4 A2G E . 0.09 8.99 -0.62
C5 A2G E . -1.26 6.99 -0.59
C6 A2G E . -2.51 7.86 -0.53
O6 A2G E . -2.36 8.84 0.49
C7 A2G E . 3.57 5.99 -2.52
O7 A2G E . 3.62 7.05 -3.14
C8 A2G E . 4.71 4.98 -2.61
H1 A2G E . 0.24 5.57 -3.14
H2 A2G E . 1.55 7.43 -2.18
HN2 A2G E . 2.55 4.79 -1.29
H3 A2G E . 1.13 6.02 0.46
HO3 A2G E . 3.10 7.12 0.26
H4 A2G E . -0.27 7.89 1.08
HO4 A2G E . 0.53 9.58 -0.01
H5 A2G E . -1.42 6.07 -0.07
H61 A2G E . -2.66 8.34 -1.48
H81 A2G E . 5.48 5.23 -1.90
H82 A2G E . 5.12 4.99 -3.61
H83 A2G E . 4.33 3.99 -2.40
H62 A2G E . -3.37 7.24 -0.31
HO6 A2G E . -3.03 9.51 0.35
C ACE A 1 2.45 -7.34 11.51
O ACE A 1 2.91 -7.77 10.45
CH3 ACE A 1 3.37 -6.78 12.61
H1 ACE A 1 3.29 -5.71 12.62
H2 ACE A 1 4.39 -7.07 12.39
H3 ACE A 1 3.07 -7.19 13.55
N PRO A 2 1.17 -7.32 11.76
CA PRO A 2 0.16 -7.82 10.79
C PRO A 2 0.44 -7.35 9.36
N PRO A 3 -0.16 -7.99 8.40
CA PRO A 3 0.02 -7.63 6.96
C PRO A 3 -0.05 -6.13 6.74
N THR A 4 0.43 -5.69 5.57
CA THR A 4 0.42 -4.27 5.24
C THR A 4 0.16 -4.07 3.75
N THR A 5 -0.66 -3.07 3.42
CA THR A 5 -0.99 -2.78 2.04
C THR A 5 -0.25 -1.54 1.56
N THR A 6 -0.27 -1.32 0.25
CA THR A 6 0.40 -0.16 -0.32
C THR A 6 -0.49 0.52 -1.37
N THR A 7 -0.14 1.74 -1.73
CA THR A 7 -0.92 2.48 -2.72
C THR A 7 0.01 3.24 -3.68
N LYS A 8 -0.58 3.79 -4.74
CA LYS A 8 0.21 4.54 -5.72
C LYS A 8 -0.69 5.46 -6.52
N LYS A 9 -0.39 6.76 -6.47
CA LYS A 9 -1.18 7.74 -7.20
C LYS A 9 -1.08 7.51 -8.70
N PRO A 10 -2.03 8.02 -9.44
CA PRO A 10 -2.07 7.86 -10.92
C PRO A 10 -0.70 8.10 -11.56
N NH2 A 11 0.11 8.99 -11.04
HN1 NH2 A 11 1.05 8.77 -10.90
HN2 NH2 A 11 -0.23 9.88 -10.81
O5 A2G B . 4.16 -2.36 4.57
C1 A2G B . 3.34 -3.30 3.91
C2 A2G B . 4.21 -4.06 2.91
N2 A2G B . 3.38 -5.04 2.18
C3 A2G B . 5.33 -4.79 3.66
O3 A2G B . 6.20 -5.39 2.73
C4 A2G B . 6.10 -3.77 4.51
O4 A2G B . 6.79 -2.88 3.66
C5 A2G B . 5.13 -2.99 5.39
C6 A2G B . 5.89 -1.90 6.16
O6 A2G B . 7.03 -2.48 6.80
C7 A2G B . 3.27 -4.99 0.86
O7 A2G B . 3.82 -4.13 0.17
C8 A2G B . 2.34 -6.02 0.22
H1 A2G B . 2.56 -2.77 3.37
H2 A2G B . 4.64 -3.38 2.20
HN2 A2G B . 2.92 -5.74 2.68
H3 A2G B . 4.91 -5.55 4.30
HO3 A2G B . 7.00 -5.67 3.20
H4 A2G B . 6.80 -4.30 5.13
HO4 A2G B . 7.35 -3.39 3.06
H5 A2G B . 4.64 -3.65 6.09
H61 A2G B . 6.22 -1.14 5.47
H81 A2G B . 2.85 -6.96 0.15
H82 A2G B . 2.05 -5.68 -0.76
H83 A2G B . 1.47 -6.14 0.84
H62 A2G B . 5.24 -1.46 6.91
HO6 A2G B . 7.52 -2.96 6.13
O5 A2G C . -4.54 -0.69 1.14
C1 A2G C . -3.30 -0.39 1.74
C2 A2G C . -3.48 0.88 2.59
N2 A2G C . -2.23 1.24 3.23
C3 A2G C . -4.56 0.63 3.64
O3 A2G C . -4.83 1.84 4.34
C4 A2G C . -5.84 0.15 2.96
O4 A2G C . -6.38 1.19 2.16
C5 A2G C . -5.52 -1.06 2.08
C6 A2G C . -6.78 -1.50 1.33
O6 A2G C . -7.91 -0.86 1.90
C7 A2G C . -1.65 2.42 2.99
O7 A2G C . -2.12 3.26 2.24
C8 A2G C . -0.31 2.65 3.68
H1 A2G C . -2.56 -0.20 0.98
H2 A2G C . -3.80 1.69 1.95
HN2 A2G C . -1.80 0.61 3.84
H3 A2G C . -4.22 -0.12 4.34
HO3 A2G C . -4.29 1.84 5.14
H4 A2G C . -6.57 -0.14 3.71
HO4 A2G C . -6.01 2.02 2.47
H5 A2G C . -5.17 -1.88 2.69
H61 A2G C . -6.69 -1.22 0.28
H81 A2G C . -0.45 3.26 4.56
H82 A2G C . 0.37 3.15 3.00
H83 A2G C . 0.13 1.69 3.97
H62 A2G C . -6.89 -2.57 1.41
HO6 A2G C . -8.40 -1.51 2.41
O5 A2G D . 3.14 -0.41 -3.49
C1 A2G D . 1.74 -0.57 -3.33
C2 A2G D . 1.21 -1.34 -4.53
N2 A2G D . -0.24 -1.51 -4.41
C3 A2G D . 1.90 -2.70 -4.61
O3 A2G D . 1.50 -3.38 -5.79
C4 A2G D . 3.41 -2.50 -4.62
O4 A2G D . 3.80 -1.85 -5.82
C5 A2G D . 3.83 -1.64 -3.42
C6 A2G D . 5.33 -1.37 -3.47
O6 A2G D . 6.00 -2.48 -4.04
C7 A2G D . -1.06 -1.02 -5.32
O7 A2G D . -0.69 -0.40 -6.31
C8 A2G D . -2.55 -1.23 -5.06
H1 A2G D . 1.27 0.40 -3.28
H2 A2G D . 1.42 -0.78 -5.43
HN2 A2G D . -0.60 -2.00 -3.64
H3 A2G D . 1.63 -3.29 -3.75
HO3 A2G D . 2.14 -4.06 -5.97
H4 A2G D . 3.91 -3.47 -4.56
HO4 A2G D . 4.54 -2.33 -6.20
H5 A2G D . 3.59 -2.15 -2.50
H61 A2G D . 5.52 -0.49 -4.08
H81 A2G D . -2.83 -2.25 -5.29
H82 A2G D . -3.13 -0.56 -5.69
H83 A2G D . -2.77 -1.01 -4.02
H62 A2G D . 5.70 -1.20 -2.47
HO6 A2G D . 5.53 -3.28 -3.77
O5 A2G E . -2.41 6.30 -1.87
C1 A2G E . -1.15 5.71 -2.03
C2 A2G E . -0.11 6.65 -1.40
N2 A2G E . 1.23 6.09 -1.55
C3 A2G E . -0.43 6.84 0.07
O3 A2G E . 0.44 7.80 0.64
C4 A2G E . -1.88 7.32 0.22
O4 A2G E . -2.01 8.62 -0.33
C5 A2G E . -2.82 6.36 -0.52
C6 A2G E . -4.25 6.89 -0.45
O6 A2G E . -4.54 7.33 0.86
C7 A2G E . 2.18 6.74 -2.22
O7 A2G E . 1.99 7.83 -2.75
C8 A2G E . 3.51 6.01 -2.38
H1 A2G E . -0.93 5.59 -3.08
H2 A2G E . -0.14 7.60 -1.90
HN2 A2G E . 1.44 5.22 -1.15
H3 A2G E . -0.32 5.90 0.60
HO3 A2G E . 0.40 8.59 0.10
H4 A2G E . -2.15 7.35 1.27
HO4 A2G E . -1.50 9.23 0.22
H5 A2G E . -2.76 5.38 -0.07
H61 A2G E . -4.37 7.71 -1.15
H81 A2G E . 4.03 6.02 -1.43
H82 A2G E . 4.11 6.50 -3.13
H83 A2G E . 3.33 4.98 -2.68
H62 A2G E . -4.94 6.09 -0.72
HO6 A2G E . -5.02 6.64 1.31
C ACE A 1 3.47 -5.56 9.89
O ACE A 1 3.92 -5.95 8.82
CH3 ACE A 1 4.25 -4.58 10.78
H1 ACE A 1 5.27 -4.53 10.43
H2 ACE A 1 4.25 -4.94 11.80
H3 ACE A 1 3.80 -3.61 10.73
N PRO A 2 2.30 -5.95 10.34
CA PRO A 2 1.43 -6.89 9.60
C PRO A 2 1.34 -6.55 8.11
N PRO A 3 0.90 -7.46 7.31
CA PRO A 3 0.76 -7.27 5.84
C PRO A 3 0.12 -5.92 5.50
N THR A 4 0.95 -4.99 5.04
CA THR A 4 0.46 -3.66 4.68
C THR A 4 0.15 -3.59 3.19
N THR A 5 -0.52 -2.52 2.78
CA THR A 5 -0.88 -2.34 1.38
C THR A 5 -0.58 -0.91 0.93
N THR A 6 -0.09 -0.77 -0.30
CA THR A 6 0.24 0.53 -0.84
C THR A 6 -0.83 0.99 -1.84
N THR A 7 -1.31 2.21 -1.67
CA THR A 7 -2.34 2.74 -2.55
C THR A 7 -1.71 3.70 -3.57
N LYS A 8 -1.75 3.30 -4.84
CA LYS A 8 -1.19 4.12 -5.90
C LYS A 8 0.15 4.71 -5.47
N LYS A 9 1.23 4.05 -5.87
CA LYS A 9 2.57 4.51 -5.52
C LYS A 9 2.84 5.88 -6.14
N PRO A 10 3.77 6.60 -5.60
CA PRO A 10 4.14 7.96 -6.09
C PRO A 10 4.26 8.00 -7.61
N NH2 A 11 5.28 7.44 -8.19
HN1 NH2 A 11 5.66 7.83 -9.01
HN2 NH2 A 11 5.68 6.63 -7.81
O5 A2G B . 3.41 -0.69 4.06
C1 A2G B . 3.04 -1.89 3.42
C2 A2G B . 4.25 -2.38 2.60
N2 A2G B . 3.92 -3.63 1.92
C3 A2G B . 5.43 -2.61 3.55
O3 A2G B . 6.58 -2.94 2.79
C4 A2G B . 5.69 -1.32 4.35
O4 A2G B . 6.13 -0.31 3.46
C5 A2G B . 4.40 -0.88 5.04
C6 A2G B . 4.63 0.45 5.76
O6 A2G B . 6.02 0.62 5.98
C7 A2G B . 3.97 -3.72 0.60
O7 A2G B . 4.30 -2.77 -0.14
C8 A2G B . 3.61 -5.07 -0.01
H1 A2G B . 2.21 -1.72 2.75
H2 A2G B . 4.51 -1.63 1.87
HN2 A2G B . 3.65 -4.41 2.45
H3 A2G B . 5.21 -3.41 4.23
HO3 A2G B . 6.91 -3.78 3.10
H4 A2G B . 6.45 -1.51 5.09
HO4 A2G B . 6.34 0.48 3.99
H5 A2G B . 4.10 -1.63 5.74
H61 A2G B . 4.26 1.26 5.16
H81 A2G B . 4.52 -5.62 -0.22
H82 A2G B . 3.05 -4.93 -0.92
H83 A2G B . 3.02 -5.63 0.70
H62 A2G B . 4.12 0.43 6.71
HO6 A2G B . 6.33 1.37 5.44
O5 A2G C . -4.83 -1.46 0.41
C1 A2G C . -3.86 -0.83 1.20
C2 A2G C . -4.56 0.13 2.17
N2 A2G C . -3.59 0.81 3.01
C3 A2G C . -5.54 -0.67 3.04
O3 A2G C . -6.31 0.23 3.83
C4 A2G C . -6.48 -1.48 2.14
O4 A2G C . -7.33 -0.60 1.42
C5 A2G C . -5.66 -2.32 1.16
C6 A2G C . -6.61 -3.05 0.20
O6 A2G C . -7.65 -3.67 0.94
C7 A2G C . -3.49 2.13 3.00
O7 A2G C . -4.19 2.86 2.30
C8 A2G C . -2.39 2.72 3.87
H1 A2G C . -3.19 -0.27 0.57
H2 A2G C . -5.12 0.86 1.60
HN2 A2G C . -3.00 0.29 3.58
H3 A2G C . -4.99 -1.34 3.68
HO3 A2G C . -6.97 0.63 3.27
H4 A2G C . -7.09 -2.14 2.76
HO4 A2G C . -7.60 0.11 2.02
H5 A2G C . -5.07 -3.04 1.70
H61 A2G C . -7.03 -2.35 -0.50
H81 A2G C . -2.71 2.71 4.91
H82 A2G C . -2.20 3.75 3.58
H83 A2G C . -1.49 2.15 3.77
H62 A2G C . -6.05 -3.81 -0.34
HO6 A2G C . -8.13 -2.98 1.41
O5 A2G D . 2.96 0.73 -4.03
C1 A2G D . 1.68 0.16 -3.86
C2 A2G D . 1.48 -0.91 -4.93
N2 A2G D . 0.17 -1.52 -4.79
C3 A2G D . 2.57 -1.98 -4.78
O3 A2G D . 2.48 -2.90 -5.85
C4 A2G D . 3.95 -1.31 -4.80
O4 A2G D . 4.20 -0.78 -6.08
C5 A2G D . 3.99 -0.18 -3.75
C6 A2G D . 5.33 0.55 -3.85
O6 A2G D . 6.39 -0.36 -3.58
C7 A2G D . -0.72 -1.47 -5.78
O7 A2G D . -0.49 -0.92 -6.86
C8 A2G D . -2.07 -2.10 -5.51
H1 A2G D . 0.93 0.93 -3.97
H2 A2G D . 1.57 -0.45 -5.91
HN2 A2G D . -0.08 -1.96 -3.96
H3 A2G D . 2.43 -2.50 -3.84
HO3 A2G D . 3.36 -3.14 -6.11
H4 A2G D . 4.70 -2.05 -4.56
HO4 A2G D . 3.38 -0.37 -6.40
H5 A2G D . 3.88 -0.60 -2.76
H61 A2G D . 5.45 0.95 -4.84
H81 A2G D . -1.98 -3.18 -5.51
H82 A2G D . -2.78 -1.80 -6.27
H83 A2G D . -2.44 -1.78 -4.55
H62 A2G D . 5.35 1.36 -3.13
HO6 A2G D . 6.39 -0.54 -2.63
O5 A2G E . -4.55 6.14 -1.20
C1 A2G E . -3.25 5.83 -1.64
C2 A2G E . -2.30 6.94 -1.16
N2 A2G E . -0.94 6.67 -1.61
C3 A2G E . -2.35 7.01 0.37
O3 A2G E . -1.60 8.12 0.81
C4 A2G E . -3.81 7.16 0.84
O4 A2G E . -4.30 8.44 0.43
C5 A2G E . -4.68 6.07 0.20
C6 A2G E . -6.14 6.30 0.57
O6 A2G E . -6.21 7.13 1.72
C7 A2G E . -0.30 7.53 -2.40
O7 A2G E . -0.80 8.57 -2.80
C8 A2G E . 1.13 7.14 -2.77
H1 A2G E . -3.22 5.80 -2.72
H2 A2G E . -2.63 7.89 -1.56
HN2 A2G E . -0.49 5.85 -1.32
H3 A2G E . -1.94 6.10 0.78
HO3 A2G E . -1.94 8.90 0.39
H4 A2G E . -3.86 7.09 1.90
HO4 A2G E . -5.16 8.31 0.03
H5 A2G E . -4.35 5.10 0.56
H61 A2G E . -6.65 6.77 -0.25
H81 A2G E . 1.82 7.61 -2.09
H82 A2G E . 1.33 7.49 -3.78
H83 A2G E . 1.24 6.07 -2.72
H62 A2G E . -6.60 5.35 0.79
HO6 A2G E . -5.63 7.88 1.58
C ACE A 1 0.76 -5.48 11.76
O ACE A 1 1.78 -5.68 11.10
CH3 ACE A 1 0.79 -4.57 12.99
H1 ACE A 1 1.82 -4.39 13.27
H2 ACE A 1 0.27 -5.05 13.80
H3 ACE A 1 0.31 -3.63 12.75
N PRO A 2 -0.38 -6.02 11.45
CA PRO A 2 -0.56 -6.92 10.28
C PRO A 2 0.13 -6.39 9.03
N PRO A 3 0.34 -7.23 8.06
CA PRO A 3 1.00 -6.86 6.78
C PRO A 3 0.47 -5.54 6.23
N THR A 4 1.37 -4.74 5.67
CA THR A 4 0.98 -3.44 5.11
C THR A 4 0.72 -3.57 3.61
N THR A 5 0.08 -2.55 3.04
CA THR A 5 -0.22 -2.56 1.62
C THR A 5 0.12 -1.21 0.99
N THR A 6 0.51 -1.25 -0.29
CA THR A 6 0.86 -0.02 -0.99
C THR A 6 -0.26 0.39 -1.94
N THR A 7 -0.56 1.69 -1.95
CA THR A 7 -1.62 2.21 -2.82
C THR A 7 -1.01 2.87 -4.04
N LYS A 8 -1.86 3.14 -5.04
CA LYS A 8 -1.40 3.77 -6.28
C LYS A 8 -1.27 5.28 -6.07
N LYS A 9 -0.09 5.71 -5.65
CA LYS A 9 0.17 7.13 -5.43
C LYS A 9 0.05 7.91 -6.75
N PRO A 10 -0.17 9.19 -6.66
CA PRO A 10 -0.32 10.07 -7.84
C PRO A 10 0.74 9.78 -8.90
N NH2 A 11 0.67 10.37 -10.07
HN1 NH2 A 11 -0.14 10.29 -10.61
HN2 NH2 A 11 1.43 10.90 -10.40
O5 A2G B . 3.98 -0.74 3.92
C1 A2G B . 3.53 -2.02 3.54
C2 A2G B . 4.64 -2.69 2.72
N2 A2G B . 4.22 -4.02 2.29
C3 A2G B . 5.90 -2.78 3.58
O3 A2G B . 6.97 -3.28 2.79
C4 A2G B . 6.27 -1.39 4.11
O4 A2G B . 6.64 -0.56 3.03
C5 A2G B . 5.05 -0.79 4.82
C6 A2G B . 5.38 0.63 5.28
O6 A2G B . 6.70 0.66 5.81
C7 A2G B . 4.15 -4.34 1.00
O7 A2G B . 4.43 -3.55 0.10
C8 A2G B . 3.65 -5.74 0.68
H1 A2G B . 2.65 -1.93 2.92
H2 A2G B . 4.85 -2.08 1.84
HN2 A2G B . 3.99 -4.69 2.96
H3 A2G B . 5.72 -3.45 4.41
HO3 A2G B . 7.67 -3.59 3.38
H4 A2G B . 7.08 -1.48 4.80
HO4 A2G B . 6.97 -1.12 2.32
H5 A2G B . 4.80 -1.41 5.68
H61 A2G B . 5.31 1.31 4.44
H81 A2G B . 4.44 -6.45 0.85
H82 A2G B . 3.35 -5.78 -0.36
H83 A2G B . 2.81 -5.97 1.32
H62 A2G B . 4.68 0.93 6.05
HO6 A2G B . 6.65 1.00 6.71
O5 A2G C . -4.13 -1.72 0.41
C1 A2G C . -3.15 -1.01 1.13
C2 A2G C . -3.84 0.10 1.91
N2 A2G C . -2.85 0.87 2.66
C3 A2G C . -4.86 -0.51 2.87
O3 A2G C . -5.60 0.52 3.50
C4 A2G C . -5.81 -1.40 2.07
O4 A2G C . -6.60 -0.61 1.20
C5 A2G C . -5.02 -2.42 1.26
C6 A2G C . -5.96 -3.27 0.40
O6 A2G C . -7.09 -3.65 1.17
C7 A2G C . -2.68 2.18 2.44
O7 A2G C . -3.33 2.80 1.61
C8 A2G C . -1.66 2.88 3.34
H1 A2G C . -2.44 -0.57 0.43
H2 A2G C . -4.35 0.76 1.22
HN2 A2G C . -2.31 0.43 3.34
H3 A2G C . -4.35 -1.10 3.61
HO3 A2G C . -6.41 0.64 3.02
H4 A2G C . -6.47 -1.93 2.76
HO4 A2G C . -6.42 -0.89 0.30
H5 A2G C . -4.46 -3.06 1.92
H61 A2G C . -6.29 -2.68 -0.45
H81 A2G C . -2.03 2.91 4.35
H82 A2G C . -1.51 3.90 2.98
H83 A2G C . -0.72 2.35 3.30
H62 A2G C . -5.44 -4.14 0.05
HO6 A2G C . -7.47 -4.42 0.77
O5 A2G D . 3.19 -0.07 -4.47
C1 A2G D . 1.90 -0.49 -4.10
C2 A2G D . 1.41 -1.50 -5.15
N2 A2G D . 0.07 -1.97 -4.81
C3 A2G D . 2.38 -2.68 -5.20
O3 A2G D . 2.00 -3.56 -6.25
C4 A2G D . 3.79 -2.17 -5.44
O4 A2G D . 3.88 -1.60 -6.74
C5 A2G D . 4.14 -1.11 -4.39
C6 A2G D . 5.53 -0.53 -4.68
O6 A2G D . 6.26 -1.43 -5.50
C7 A2G D . -0.96 -1.78 -5.65
O7 A2G D . -0.83 -1.23 -6.74
C8 A2G D . -2.32 -2.22 -5.14
H1 A2G D . 1.22 0.35 -4.09
H2 A2G D . 1.38 -1.03 -6.11
HN2 A2G D . -0.09 -2.42 -3.96
H3 A2G D . 2.34 -3.21 -4.26
HO3 A2G D . 2.65 -3.48 -6.96
H4 A2G D . 4.50 -3.00 -5.36
HO4 A2G D . 3.08 -1.84 -7.22
H5 A2G D . 4.12 -1.56 -3.41
H61 A2G D . 5.42 0.41 -5.19
H81 A2G D . -2.56 -3.20 -5.53
H82 A2G D . -3.07 -1.52 -5.47
H83 A2G D . -2.31 -2.26 -4.06
H62 A2G D . 6.05 -0.38 -3.75
HO6 A2G D . 5.69 -1.70 -6.23
O5 A2G E . -2.34 6.13 -1.61
C1 A2G E . -1.28 5.21 -1.69
C2 A2G E . -0.11 5.76 -0.86
N2 A2G E . 1.02 4.84 -0.92
C3 A2G E . -0.56 5.93 0.59
O3 A2G E . 0.46 6.56 1.34
C4 A2G E . -1.83 6.80 0.63
O4 A2G E . -1.50 8.11 0.21
C5 A2G E . -2.89 6.21 -0.30
C6 A2G E . -4.12 7.12 -0.34
O6 A2G E . -4.25 7.77 0.92
C7 A2G E . 2.19 5.24 -1.41
O7 A2G E . 2.39 6.38 -1.84
C8 A2G E . 3.29 4.19 -1.44
H1 A2G E . -0.96 5.11 -2.72
H2 A2G E . 0.18 6.72 -1.25
HN2 A2G E . 0.91 3.93 -0.60
H3 A2G E . -0.78 4.96 1.02
HO3 A2G E . 1.26 6.54 0.81
H4 A2G E . -2.21 6.83 1.64
HO4 A2G E . -1.99 8.73 0.76
H5 A2G E . -3.17 5.23 0.04
H61 A2G E . -3.99 7.85 -1.12
H81 A2G E . 3.79 4.14 -0.49
H82 A2G E . 4.01 4.44 -2.21
H83 A2G E . 2.86 3.21 -1.66
H62 A2G E . -4.99 6.53 -0.53
HO6 A2G E . -5.06 7.46 1.32
C ACE A 1 0.32 -6.59 11.59
O ACE A 1 1.35 -6.83 10.96
CH3 ACE A 1 0.36 -5.89 12.94
H1 ACE A 1 0.01 -4.88 12.83
H2 ACE A 1 1.38 -5.88 13.31
H3 ACE A 1 -0.26 -6.42 13.64
N PRO A 2 -0.86 -6.92 11.14
CA PRO A 2 -1.05 -7.62 9.83
C PRO A 2 -0.22 -6.99 8.72
N PRO A 3 -0.04 -7.70 7.64
CA PRO A 3 0.75 -7.22 6.48
C PRO A 3 0.43 -5.77 6.12
N THR A 4 1.41 -5.07 5.56
CA THR A 4 1.22 -3.68 5.18
C THR A 4 0.84 -3.58 3.70
N THR A 5 -0.16 -2.75 3.42
CA THR A 5 -0.61 -2.57 2.05
C THR A 5 -0.14 -1.23 1.50
N THR A 6 0.25 -1.22 0.22
CA THR A 6 0.72 0.00 -0.42
C THR A 6 -0.36 0.57 -1.34
N THR A 7 -0.44 1.90 -1.39
CA THR A 7 -1.42 2.56 -2.24
C THR A 7 -0.78 3.06 -3.53
N LYS A 8 -1.38 2.70 -4.66
CA LYS A 8 -0.85 3.12 -5.96
C LYS A 8 -1.26 4.55 -6.27
N LYS A 9 -0.28 5.42 -6.43
CA LYS A 9 -0.55 6.82 -6.74
C LYS A 9 0.75 7.58 -6.97
N PRO A 10 1.63 7.02 -7.75
CA PRO A 10 2.95 7.64 -8.07
C PRO A 10 2.81 9.13 -8.40
N NH2 A 11 3.88 9.86 -8.55
HN1 NH2 A 11 4.06 10.60 -7.94
HN2 NH2 A 11 4.51 9.65 -9.27
O5 A2G B . 4.53 -1.39 4.02
C1 A2G B . 3.89 -2.55 3.54
C2 A2G B . 4.85 -3.28 2.61
N2 A2G B . 4.20 -4.47 2.08
C3 A2G B . 6.11 -3.66 3.38
O3 A2G B . 7.06 -4.22 2.48
C4 A2G B . 6.70 -2.41 4.03
O4 A2G B . 7.18 -1.53 3.02
C5 A2G B . 5.62 -1.69 4.86
C6 A2G B . 6.19 -0.39 5.43
O6 A2G B . 7.56 -0.27 5.07
C7 A2G B . 4.02 -4.63 0.77
O7 A2G B . 4.36 -3.80 -0.07
C8 A2G B . 3.39 -5.95 0.33
H1 A2G B . 3.00 -2.26 3.00
H2 A2G B . 5.11 -2.62 1.78
HN2 A2G B . 3.90 -5.17 2.69
H3 A2G B . 5.86 -4.38 4.14
HO3 A2G B . 7.04 -5.17 2.59
H4 A2G B . 7.52 -2.69 4.68
HO4 A2G B . 6.81 -0.66 3.19
H5 A2G B . 5.31 -2.33 5.67
H61 A2G B . 5.64 0.45 5.02
H81 A2G B . 4.15 -6.62 -0.02
H82 A2G B . 2.68 -5.77 -0.46
H83 A2G B . 2.87 -6.41 1.17
H62 A2G B . 6.10 -0.40 6.50
HO6 A2G B . 7.99 0.30 5.71
O5 A2G C . -4.49 -1.08 1.43
C1 A2G C . -3.31 -0.59 2.03
C2 A2G C . -3.67 0.57 2.96
N2 A2G C . -2.48 1.11 3.59
C3 A2G C . -4.65 0.06 4.02
O3 A2G C . -5.10 1.16 4.81
C4 A2G C . -5.85 -0.60 3.34
O4 A2G C . -6.59 0.38 2.62
C5 A2G C . -5.35 -1.68 2.37
C6 A2G C . -6.55 -2.28 1.62
O6 A2G C . -7.72 -2.13 2.40
C7 A2G C . -2.12 2.37 3.41
O7 A2G C . -2.76 3.16 2.73
C8 A2G C . -0.82 2.81 4.10
H1 A2G C . -2.63 -0.23 1.26
H2 A2G C . -4.15 1.34 2.38
HN2 A2G C . -1.93 0.52 4.15
H3 A2G C . -4.15 -0.65 4.65
HO3 A2G C . -5.63 1.73 4.24
H4 A2G C . -6.48 -1.06 4.09
HO4 A2G C . -7.47 0.04 2.47
H5 A2G C . -4.84 -2.45 2.92
H61 A2G C . -6.67 -1.77 0.68
H81 A2G C . -1.05 3.16 5.10
H82 A2G C . -0.36 3.60 3.53
H83 A2G C . -0.15 1.97 4.15
H62 A2G C . -6.36 -3.33 1.44
HO6 A2G C . -8.14 -1.30 2.16
O5 A2G D . 2.94 -0.31 -3.93
C1 A2G D . 1.66 -0.71 -3.51
C2 A2G D . 1.15 -1.79 -4.47
N2 A2G D . -0.19 -2.22 -4.07
C3 A2G D . 2.12 -2.98 -4.44
O3 A2G D . 1.72 -3.92 -5.43
C4 A2G D . 3.53 -2.48 -4.75
O4 A2G D . 3.58 -2.01 -6.10
C5 A2G D . 3.90 -1.34 -3.80
C6 A2G D . 5.27 -0.79 -4.16
O6 A2G D . 6.08 -1.83 -4.69
C7 A2G D . -1.23 -2.09 -4.88
O7 A2G D . -1.14 -1.61 -6.01
C8 A2G D . -2.58 -2.54 -4.33
H1 A2G D . 0.99 0.14 -3.54
H2 A2G D . 1.10 -1.38 -5.46
HN2 A2G D . -0.32 -2.62 -3.17
H3 A2G D . 2.10 -3.43 -3.48
HO3 A2G D . 2.41 -4.58 -5.50
H4 A2G D . 4.23 -3.30 -4.64
HO4 A2G D . 2.75 -1.57 -6.29
H5 A2G D . 3.91 -1.71 -2.79
H61 A2G D . 5.16 0.00 -4.90
H81 A2G D . -2.68 -3.61 -4.45
H82 A2G D . -3.36 -2.04 -4.87
H83 A2G D . -2.64 -2.28 -3.29
H62 A2G D . 5.74 -0.38 -3.27
HO6 A2G D . 6.96 -1.74 -4.32
O5 A2G E . -2.34 6.60 -1.69
C1 A2G E . -1.21 5.86 -2.07
C2 A2G E . 0.03 6.75 -1.91
N2 A2G E . 1.23 6.02 -2.31
C3 A2G E . 0.14 7.19 -0.45
O3 A2G E . 1.20 8.11 -0.31
C4 A2G E . -1.17 7.85 -0.01
O4 A2G E . -1.35 9.06 -0.73
C5 A2G E . -2.34 6.91 -0.31
C6 A2G E . -3.66 7.60 0.04
O6 A2G E . -3.38 8.82 0.72
C7 A2G E . 1.99 6.46 -3.30
O7 A2G E . 1.75 7.49 -3.94
C8 A2G E . 3.20 5.58 -3.66
H1 A2G E . -1.30 5.57 -3.11
H2 A2G E . -0.08 7.63 -2.53
HN2 A2G E . 1.47 5.20 -1.83
H3 A2G E . 0.33 6.33 0.17
HO3 A2G E . 0.84 8.95 -0.03
H4 A2G E . -1.13 8.05 1.05
HO4 A2G E . -1.53 8.85 -1.64
H5 A2G E . -2.23 6.01 0.28
H61 A2G E . -4.21 7.81 -0.86
H81 A2G E . 4.10 6.06 -3.30
H82 A2G E . 3.25 5.46 -4.73
H83 A2G E . 3.09 4.62 -3.18
H62 A2G E . -4.24 6.95 0.68
HO6 A2G E . -3.53 9.54 0.11
C ACE A 1 -0.95 -6.75 11.08
O ACE A 1 -0.91 -5.71 10.43
CH3 ACE A 1 -2.23 -7.20 11.76
H1 ACE A 1 -2.02 -7.49 12.77
H2 ACE A 1 -2.66 -8.03 11.22
H3 ACE A 1 -2.94 -6.38 11.77
N PRO A 2 0.10 -7.52 11.23
CA PRO A 2 1.42 -7.21 10.62
C PRO A 2 1.30 -6.76 9.16
N PRO A 3 0.65 -7.55 8.36
CA PRO A 3 0.45 -7.26 6.92
C PRO A 3 0.12 -5.79 6.64
N THR A 4 0.51 -5.31 5.46
CA THR A 4 0.23 -3.92 5.09
C THR A 4 -0.05 -3.85 3.57
N THR A 5 -0.48 -2.68 3.12
CA THR A 5 -0.82 -2.48 1.70
C THR A 5 -0.20 -1.18 1.21
N THR A 6 0.30 -1.20 -0.03
CA THR A 6 0.91 0.00 -0.59
C THR A 6 -0.02 0.64 -1.61
N THR A 7 -0.17 1.96 -1.52
CA THR A 7 -1.03 2.69 -2.44
C THR A 7 -0.21 3.36 -3.53
N LYS A 8 -0.65 3.22 -4.78
CA LYS A 8 0.06 3.83 -5.89
C LYS A 8 -0.30 5.31 -6.02
N LYS A 9 0.40 6.01 -6.91
CA LYS A 9 0.15 7.42 -7.11
C LYS A 9 -1.26 7.65 -7.64
N PRO A 10 -1.81 8.82 -7.41
CA PRO A 10 -3.17 9.18 -7.86
C PRO A 10 -3.43 8.74 -9.30
N NH2 A 11 -2.43 8.66 -10.13
HN1 NH2 A 11 -2.59 8.73 -11.10
HN2 NH2 A 11 -1.52 8.56 -9.80
O5 A2G B . 3.65 -1.58 4.22
C1 A2G B . 3.03 -2.74 3.75
C2 A2G B . 4.08 -3.54 2.96
N2 A2G B . 3.47 -4.72 2.36
C3 A2G B . 5.20 -3.93 3.91
O3 A2G B . 6.24 -4.56 3.17
C4 A2G B . 5.76 -2.66 4.58
O4 A2G B . 6.43 -1.86 3.61
C5 A2G B . 4.62 -1.86 5.21
C6 A2G B . 5.15 -0.53 5.76
O6 A2G B . 6.54 -0.65 6.02
C7 A2G B . 3.52 -4.92 1.05
O7 A2G B . 4.04 -4.14 0.27
C8 A2G B . 2.85 -6.20 0.54
H1 A2G B . 2.20 -2.50 3.10
H2 A2G B . 4.47 -2.91 2.18
HN2 A2G B . 3.06 -5.40 2.93
H3 A2G B . 4.83 -4.60 4.66
HO3 A2G B . 6.95 -4.78 3.77
H4 A2G B . 6.46 -2.95 5.35
HO4 A2G B . 6.95 -2.44 3.06
H5 A2G B . 4.17 -2.43 6.01
H61 A2G B . 4.98 0.25 5.04
H81 A2G B . 3.60 -6.97 0.41
H82 A2G B . 2.37 -6.00 -0.41
H83 A2G B . 2.11 -6.53 1.26
H62 A2G B . 4.63 -0.29 6.68
HO6 A2G B . 6.69 -1.51 6.44
O5 A2G C . -4.51 -0.88 0.56
C1 A2G C . -3.40 -0.36 1.25
C2 A2G C . -3.85 0.87 2.05
N2 A2G C . -2.73 1.35 2.87
C3 A2G C . -5.01 0.48 2.99
O3 A2G C . -5.54 1.65 3.59
C4 A2G C . -6.11 -0.22 2.19
O4 A2G C . -6.69 0.70 1.27
C5 A2G C . -5.50 -1.39 1.42
C6 A2G C . -6.58 -2.08 0.58
O6 A2G C . -7.86 -1.76 1.10
C7 A2G C . -2.41 2.65 2.89
O7 A2G C . -3.03 3.51 2.28
C8 A2G C . -1.32 3.04 3.88
H1 A2G C . -2.65 -0.05 0.55
H2 A2G C . -4.18 1.64 1.39
HN2 A2G C . -2.31 0.75 3.52
H3 A2G C . -4.65 -0.19 3.76
HO3 A2G C . -5.49 2.37 2.95
H4 A2G C . -6.87 -0.59 2.86
HO4 A2G C . -5.97 1.22 0.88
H5 A2G C . -5.07 -2.10 2.11
H61 A2G C . -6.52 -1.73 -0.44
H81 A2G C . -1.76 3.49 4.75
H82 A2G C . -0.64 3.74 3.42
H83 A2G C . -0.77 2.16 4.19
H62 A2G C . -6.43 -3.15 0.60
HO6 A2G C . -8.13 -2.49 1.68
O5 A2G D . 3.47 -0.41 -3.88
C1 A2G D . 2.12 -0.69 -3.60
C2 A2G D . 1.62 -1.69 -4.65
N2 A2G D . 0.22 -1.97 -4.46
C3 A2G D . 2.46 -2.96 -4.53
O3 A2G D . 2.07 -3.87 -5.56
C4 A2G D . 3.93 -2.62 -4.68
O4 A2G D . 4.19 -2.16 -6.00
C5 A2G D . 4.31 -1.53 -3.68
C6 A2G D . 5.76 -1.09 -3.91
O6 A2G D . 6.46 -2.12 -4.60
C7 A2G D . -0.68 -1.71 -5.41
O7 A2G D . -0.37 -1.22 -6.49
C8 A2G D . -2.10 -2.20 -5.16
H1 A2G D . 1.54 0.22 -3.67
H2 A2G D . 1.77 -1.26 -5.64
HN2 A2G D . -0.09 -2.36 -3.61
H3 A2G D . 2.28 -3.42 -3.57
HO3 A2G D . 2.84 -4.41 -5.78
H4 A2G D . 4.53 -3.50 -4.49
HO4 A2G D . 3.91 -2.85 -6.61
H5 A2G D . 4.21 -1.90 -2.67
H61 A2G D . 5.78 -0.19 -4.49
H81 A2G D . -2.19 -3.23 -5.47
H82 A2G D . -2.80 -1.60 -5.72
H83 A2G D . -2.33 -2.12 -4.11
H62 A2G D . 6.24 -0.92 -2.96
HO6 A2G D . 6.60 -2.85 -3.99
O5 A2G E . -2.31 6.60 -1.59
C1 A2G E . -1.10 5.94 -1.91
C2 A2G E . 0.06 6.87 -1.51
N2 A2G E . 1.34 6.22 -1.82
C3 A2G E . -0.02 7.16 -0.01
O3 A2G E . 0.96 8.11 0.34
C4 A2G E . -1.41 7.72 0.32
O4 A2G E . -1.56 8.99 -0.31
C5 A2G E . -2.49 6.77 -0.21
C6 A2G E . -3.87 7.36 0.04
O6 A2G E . -3.81 8.24 1.15
C7 A2G E . 2.19 6.77 -2.69
O7 A2G E . 1.96 7.83 -3.27
C8 A2G E . 3.48 6.01 -2.92
H1 A2G E . -1.05 5.76 -2.98
H2 A2G E . -0.02 7.79 -2.06
HN2 A2G E . 1.56 5.37 -1.40
H3 A2G E . 0.14 6.25 0.55
HO3 A2G E . 0.55 8.98 0.35
H4 A2G E . -1.51 7.83 1.38
HO4 A2G E . -0.69 9.39 -0.38
H5 A2G E . -2.40 5.81 0.29
H61 A2G E . -4.19 7.90 -0.83
H81 A2G E . 4.21 6.31 -2.18
H82 A2G E . 3.86 6.24 -3.91
H83 A2G E . 3.30 4.95 -2.84
H62 A2G E . -4.57 6.56 0.26
HO6 A2G E . -4.47 7.96 1.80
C ACE A 1 -1.36 -7.25 10.61
O ACE A 1 -1.21 -6.14 10.08
CH3 ACE A 1 -2.73 -7.72 11.06
H1 ACE A 1 -3.42 -6.90 11.05
H2 ACE A 1 -2.66 -8.13 12.06
H3 ACE A 1 -3.08 -8.49 10.39
N PRO A 2 -0.35 -8.05 10.81
CA PRO A 2 1.05 -7.72 10.43
C PRO A 2 1.13 -7.15 9.02
N PRO A 3 0.59 -7.84 8.06
CA PRO A 3 0.60 -7.41 6.64
C PRO A 3 0.31 -5.93 6.48
N THR A 4 0.75 -5.36 5.36
CA THR A 4 0.53 -3.93 5.10
C THR A 4 0.29 -3.71 3.60
N THR A 5 -0.67 -2.84 3.29
CA THR A 5 -0.98 -2.54 1.89
C THR A 5 -0.44 -1.18 1.49
N THR A 6 0.07 -1.08 0.26
CA THR A 6 0.62 0.17 -0.25
C THR A 6 -0.37 0.81 -1.23
N THR A 7 -0.36 2.14 -1.29
CA THR A 7 -1.25 2.86 -2.19
C THR A 7 -0.48 3.30 -3.44
N LYS A 8 -1.06 3.04 -4.60
CA LYS A 8 -0.44 3.41 -5.88
C LYS A 8 -0.68 4.88 -6.21
N LYS A 9 0.35 5.53 -6.75
CA LYS A 9 0.22 6.94 -7.11
C LYS A 9 -0.83 7.15 -8.20
N PRO A 10 -1.39 8.33 -8.27
CA PRO A 10 -2.44 8.66 -9.28
C PRO A 10 -2.10 8.11 -10.66
N NH2 A 11 -0.86 8.04 -11.04
HN1 NH2 A 11 -0.26 7.38 -10.63
HN2 NH2 A 11 -0.53 8.64 -11.75
O5 A2G B . 4.03 -1.51 4.83
C1 A2G B . 3.44 -2.53 4.04
C2 A2G B . 4.54 -3.15 3.16
N2 A2G B . 3.99 -4.24 2.36
C3 A2G B . 5.67 -3.68 4.05
O3 A2G B . 6.73 -4.16 3.24
C4 A2G B . 6.17 -2.55 4.95
O4 A2G B . 6.76 -1.53 4.15
C5 A2G B . 5.00 -1.98 5.74
C6 A2G B . 5.48 -0.80 6.58
O6 A2G B . 6.83 -1.02 6.98
C7 A2G B . 4.08 -4.22 1.03
O7 A2G B . 4.62 -3.31 0.41
C8 A2G B . 3.57 -5.47 0.32
H1 A2G B . 2.69 -2.10 3.40
H2 A2G B . 4.94 -2.39 2.50
HN2 A2G B . 3.57 -5.01 2.81
H3 A2G B . 5.30 -4.49 4.66
HO3 A2G B . 7.14 -4.90 3.69
H4 A2G B . 6.92 -2.94 5.63
HO4 A2G B . 6.54 -0.69 4.55
H5 A2G B . 4.59 -2.74 6.37
H61 A2G B . 5.42 0.11 6.01
H81 A2G B . 4.34 -6.21 0.29
H82 A2G B . 3.29 -5.21 -0.69
H83 A2G B . 2.70 -5.86 0.84
H62 A2G B . 4.86 -0.72 7.46
HO6 A2G B . 6.83 -1.27 7.90
O5 A2G C . -4.71 -0.90 0.96
C1 A2G C . -3.60 -0.51 1.74
C2 A2G C . -4.08 0.56 2.73
N2 A2G C . -2.97 1.03 3.54
C3 A2G C . -5.18 -0.04 3.61
O3 A2G C . -5.70 0.96 4.46
C4 A2G C . -6.29 -0.60 2.72
O4 A2G C . -6.95 0.46 2.05
C5 A2G C . -5.70 -1.57 1.71
C6 A2G C . -6.79 -2.05 0.74
O6 A2G C . -8.06 -1.80 1.32
C7 A2G C . -2.52 2.27 3.43
O7 A2G C . -3.00 3.09 2.64
C8 A2G C . -1.22 2.58 4.18
H1 A2G C . -2.83 -0.10 1.12
H2 A2G C . -4.50 1.39 2.17
HN2 A2G C . -2.48 0.39 4.10
H3 A2G C . -4.75 -0.83 4.21
HO3 A2G C . -5.11 1.71 4.45
H4 A2G C . -7.01 -1.13 3.34
HO4 A2G C . -7.86 0.47 2.33
H5 A2G C . -5.26 -2.42 2.21
H61 A2G C . -6.71 -1.51 -0.19
H81 A2G C . -1.46 2.91 5.17
H82 A2G C . -0.69 3.36 3.65
H83 A2G C . -0.62 1.70 4.22
H62 A2G C . -6.68 -3.10 0.56
HO6 A2G C . -8.13 -2.32 2.12
O5 A2G D . 3.18 0.09 -3.53
C1 A2G D . 1.86 -0.30 -3.27
C2 A2G D . 1.44 -1.27 -4.37
N2 A2G D . 0.05 -1.68 -4.18
C3 A2G D . 2.36 -2.50 -4.32
O3 A2G D . 2.05 -3.37 -5.40
C4 A2G D . 3.82 -2.05 -4.41
O4 A2G D . 4.06 -1.52 -5.71
C5 A2G D . 4.10 -0.98 -3.36
C6 A2G D . 5.52 -0.44 -3.54
O6 A2G D . 6.36 -1.48 -4.03
C7 A2G D . -0.88 -1.38 -5.08
O7 A2G D . -0.64 -0.75 -6.11
C8 A2G D . -2.32 -1.67 -4.67
H1 A2G D . 1.21 0.56 -3.30
H2 A2G D . 1.54 -0.80 -5.33
HN2 A2G D . -0.21 -2.14 -3.35
H3 A2G D . 2.20 -3.03 -3.39
HO3 A2G D . 1.31 -3.00 -5.88
H4 A2G D . 4.46 -2.90 -4.25
HO4 A2G D . 4.99 -1.28 -5.76
H5 A2G D . 4.00 -1.40 -2.37
H61 A2G D . 5.51 0.37 -4.25
H81 A2G D . -2.56 -2.69 -4.88
H82 A2G D . -2.99 -1.03 -5.23
H83 A2G D . -2.44 -1.47 -3.61
H62 A2G D . 5.90 -0.09 -2.59
HO6 A2G D . 6.98 -1.72 -3.34
O5 A2G E . -1.82 6.99 -1.63
C1 A2G E . -0.74 6.12 -1.90
C2 A2G E . 0.54 6.87 -1.54
N2 A2G E . 1.70 6.05 -1.83
C3 A2G E . 0.51 7.23 -0.05
O3 A2G E . 1.61 8.09 0.24
C4 A2G E . -0.80 7.94 0.33
O4 A2G E . -0.79 9.27 -0.19
C5 A2G E . -2.00 7.18 -0.25
C6 A2G E . -3.28 8.00 -0.03
O6 A2G E . -3.16 8.78 1.15
C7 A2G E . 2.61 6.44 -2.72
O7 A2G E . 2.54 7.51 -3.33
C8 A2G E . 3.78 5.49 -2.95
H1 A2G E . -0.73 5.87 -2.94
H2 A2G E . 0.59 7.78 -2.12
HN2 A2G E . 1.80 5.19 -1.39
H3 A2G E . 0.61 6.32 0.53
HO3 A2G E . 2.42 7.65 -0.04
H4 A2G E . -0.89 7.99 1.40
HO4 A2G E . -0.26 9.26 -0.99
H5 A2G E . -2.10 6.23 0.25
H61 A2G E . -3.43 8.65 -0.88
H81 A2G E . 4.58 5.73 -2.27
H82 A2G E . 4.13 5.59 -3.96
H83 A2G E . 3.45 4.47 -2.78
H62 A2G E . -4.13 7.33 0.06
HO6 A2G E . -3.92 9.35 1.21
C ACE A 1 -0.29 -6.11 11.25
O ACE A 1 -0.31 -5.11 10.53
CH3 ACE A 1 -1.55 -6.57 11.97
H1 ACE A 1 -1.94 -7.46 11.49
H2 ACE A 1 -2.30 -5.80 11.94
H3 ACE A 1 -1.32 -6.80 13.00
N PRO A 2 0.79 -6.82 11.42
CA PRO A 2 2.08 -6.49 10.79
C PRO A 2 1.92 -6.13 9.31
N PRO A 3 1.30 -7.00 8.55
CA PRO A 3 1.08 -6.81 7.09
C PRO A 3 0.62 -5.40 6.76
N THR A 4 0.88 -4.96 5.53
CA THR A 4 0.51 -3.63 5.09
C THR A 4 0.09 -3.64 3.63
N THR A 5 -0.49 -2.53 3.17
CA THR A 5 -0.93 -2.43 1.79
C THR A 5 -0.51 -1.10 1.19
N THR A 6 -0.11 -1.12 -0.08
CA THR A 6 0.32 0.08 -0.77
C THR A 6 -0.75 0.58 -1.73
N THR A 7 -0.53 1.75 -2.31
CA THR A 7 -1.49 2.34 -3.24
C THR A 7 -0.77 2.96 -4.43
N LYS A 8 -1.46 3.03 -5.56
CA LYS A 8 -0.87 3.60 -6.77
C LYS A 8 -0.97 5.12 -6.72
N LYS A 9 0.14 5.77 -6.35
CA LYS A 9 0.17 7.22 -6.27
C LYS A 9 1.57 7.71 -5.93
N PRO A 10 2.56 7.18 -6.59
CA PRO A 10 3.98 7.56 -6.36
C PRO A 10 4.16 9.07 -6.24
N NH2 A 11 5.16 9.54 -5.54
HN1 NH2 A 11 5.06 10.40 -5.09
HN2 NH2 A 11 5.99 9.04 -5.46
O5 A2G B . 3.58 -1.06 3.76
C1 A2G B . 3.00 -2.28 3.37
C2 A2G B . 3.98 -3.00 2.45
N2 A2G B . 3.41 -4.25 1.97
C3 A2G B . 5.28 -3.26 3.22
O3 A2G B . 6.24 -3.81 2.34
C4 A2G B . 5.81 -1.95 3.79
O4 A2G B . 6.23 -1.10 2.74
C5 A2G B . 4.70 -1.25 4.60
C6 A2G B . 5.20 0.13 5.06
O6 A2G B . 6.60 0.07 5.32
C7 A2G B . 3.36 -4.57 0.67
O7 A2G B . 3.79 -3.83 -0.20
C8 A2G B . 2.76 -5.93 0.34
H1 A2G B . 2.08 -2.10 2.85
H2 A2G B . 4.20 -2.36 1.60
HN2 A2G B . 3.15 -4.93 2.64
H3 A2G B . 5.09 -3.95 4.02
HO3 A2G B . 6.96 -3.17 2.24
H4 A2G B . 6.65 -2.15 4.44
HO4 A2G B . 7.15 -0.87 2.90
H5 A2G B . 4.44 -1.85 5.45
H61 A2G B . 5.00 0.86 4.30
H81 A2G B . 3.55 -6.67 0.35
H82 A2G B . 2.33 -5.89 -0.64
H83 A2G B . 2.01 -6.18 1.07
H62 A2G B . 4.68 0.41 5.97
HO6 A2G B . 7.05 0.27 4.49
O5 A2G C . -4.82 -1.24 0.86
C1 A2G C . -3.71 -0.60 1.43
C2 A2G C . -4.20 0.63 2.19
N2 A2G C . -3.06 1.32 2.81
C3 A2G C . -5.20 0.21 3.26
O3 A2G C . -5.76 1.36 3.87
C4 A2G C . -6.32 -0.61 2.61
O4 A2G C . -7.06 0.22 1.73
C5 A2G C . -5.71 -1.77 1.82
C6 A2G C . -6.81 -2.55 1.11
O6 A2G C . -8.08 -2.15 1.62
C7 A2G C . -2.70 2.52 2.41
O7 A2G C . -3.29 3.14 1.53
C8 A2G C . -1.33 3.00 2.88
H1 A2G C . -3.03 -0.30 0.65
H2 A2G C . -4.67 1.31 1.50
HN2 A2G C . -2.51 0.84 3.47
H3 A2G C . -4.71 -0.39 4.01
HO3 A2G C . -5.04 1.83 4.32
H4 A2G C . -6.97 -1.00 3.38
HO4 A2G C . -6.69 0.14 0.85
H5 A2G C . -5.18 -2.43 2.49
H61 A2G C . -6.77 -2.34 0.05
H81 A2G C . -1.43 3.84 3.55
H82 A2G C . -0.73 3.29 2.02
H83 A2G C . -0.84 2.19 3.40
H62 A2G C . -6.68 -3.61 1.28
HO6 A2G C . -8.67 -2.90 1.57
O5 A2G D . 2.67 -0.09 -4.23
C1 A2G D . 1.36 -0.46 -3.87
C2 A2G D . 0.84 -1.46 -4.91
N2 A2G D . -0.52 -1.86 -4.59
C3 A2G D . 1.76 -2.68 -4.93
O3 A2G D . 1.37 -3.56 -5.97
C4 A2G D . 3.21 -2.23 -5.17
O4 A2G D . 3.32 -1.67 -6.47
C5 A2G D . 3.58 -1.17 -4.14
C6 A2G D . 4.99 -0.64 -4.43
O6 A2G D . 5.70 -1.59 -5.22
C7 A2G D . -1.52 -1.68 -5.44
O7 A2G D . -1.36 -1.16 -6.55
C8 A2G D . -2.90 -2.09 -4.97
H1 A2G D . 0.73 0.41 -3.87
H2 A2G D . 0.85 -1.00 -5.89
HN2 A2G D . -0.70 -2.30 -3.73
H3 A2G D . 1.71 -3.20 -3.99
HO3 A2G D . 0.73 -4.18 -5.61
H4 A2G D . 3.88 -3.07 -5.08
HO4 A2G D . 4.19 -1.90 -6.81
H5 A2G D . 3.56 -1.59 -3.14
H61 A2G D . 4.93 0.30 -4.97
H81 A2G D . -3.07 -3.13 -5.20
H82 A2G D . -3.65 -1.48 -5.46
H83 A2G D . -2.97 -1.95 -3.91
H62 A2G D . 5.52 -0.48 -3.50
HO6 A2G D . 5.57 -2.44 -4.83
O5 A2G E . -2.19 6.32 -2.08
C1 A2G E . -1.13 5.39 -2.15
C2 A2G E . 0.03 5.91 -1.31
N2 A2G E . 1.14 4.96 -1.35
C3 A2G E . -0.43 6.12 0.13
O3 A2G E . 0.63 6.69 0.89
C4 A2G E . -1.63 7.06 0.14
O4 A2G E . -1.24 8.34 -0.33
C5 A2G E . -2.73 6.50 -0.78
C6 A2G E . -3.89 7.49 -0.85
O6 A2G E . -3.80 8.40 0.24
C7 A2G E . 2.32 5.30 -1.86
O7 A2G E . 2.55 6.43 -2.32
C8 A2G E . 3.33 4.18 -2.02
H1 A2G E . -0.82 5.30 -3.18
H2 A2G E . 0.36 6.86 -1.72
HN2 A2G E . 1.01 4.05 -1.01
H3 A2G E . -0.71 5.17 0.55
HO3 A2G E . 0.62 6.27 1.75
H4 A2G E . -2.02 7.15 1.14
HO4 A2G E . -1.63 8.48 -1.19
H5 A2G E . -3.07 5.56 -0.39
H61 A2G E . -3.83 8.04 -1.78
H81 A2G E . 3.95 4.12 -1.14
H82 A2G E . 3.95 4.36 -2.88
H83 A2G E . 2.81 3.24 -2.14
H62 A2G E . -4.83 6.96 -0.81
HO6 A2G E . -4.24 9.22 -0.02
C ACE A 1 5.17 -6.15 6.24
O ACE A 1 4.44 -6.82 5.51
CH3 ACE A 1 6.45 -5.52 5.70
H1 ACE A 1 7.27 -5.74 6.37
H2 ACE A 1 6.32 -4.45 5.63
H3 ACE A 1 6.66 -5.93 4.72
N PRO A 2 4.88 -5.94 7.50
CA PRO A 2 3.67 -6.49 8.16
C PRO A 2 2.43 -6.32 7.28
N PRO A 3 1.40 -7.08 7.58
CA PRO A 3 0.12 -7.02 6.82
C PRO A 3 -0.33 -5.59 6.55
N THR A 4 0.00 -5.08 5.38
CA THR A 4 -0.39 -3.73 5.00
C THR A 4 -0.68 -3.65 3.50
N THR A 5 -1.24 -2.52 3.08
CA THR A 5 -1.56 -2.32 1.67
C THR A 5 -1.11 -0.93 1.20
N THR A 6 -0.60 -0.86 -0.02
CA THR A 6 -0.14 0.40 -0.58
C THR A 6 -1.14 0.94 -1.61
N THR A 7 -1.07 2.24 -1.87
CA THR A 7 -1.97 2.87 -2.84
C THR A 7 -1.22 3.87 -3.69
N LYS A 8 -1.67 4.04 -4.94
CA LYS A 8 -1.04 4.98 -5.86
C LYS A 8 0.48 4.81 -5.83
N LYS A 9 1.20 5.91 -6.02
CA LYS A 9 2.66 5.87 -6.02
C LYS A 9 3.15 4.47 -6.30
N PRO A 10 2.83 3.94 -7.46
CA PRO A 10 3.24 2.57 -7.88
C PRO A 10 4.72 2.30 -7.56
N NH2 A 11 5.64 2.95 -8.21
HN1 NH2 A 11 5.81 2.76 -9.16
HN2 NH2 A 11 6.18 3.62 -7.74
O5 A2G B . 2.87 -1.05 4.36
C1 A2G B . 2.36 -2.22 3.75
C2 A2G B . 3.48 -2.87 2.93
N2 A2G B . 3.00 -4.08 2.29
C3 A2G B . 4.65 -3.20 3.87
O3 A2G B . 5.74 -3.68 3.10
C4 A2G B . 5.07 -1.95 4.63
O4 A2G B . 5.62 -1.01 3.71
C5 A2G B . 3.85 -1.33 5.32
C6 A2G B . 4.26 -0.02 6.01
O6 A2G B . 5.63 -0.07 6.35
C7 A2G B . 3.02 -4.21 0.97
O7 A2G B . 3.44 -3.33 0.21
C8 A2G B . 2.54 -5.54 0.41
H1 A2G B . 1.54 -1.96 3.10
H2 A2G B . 3.81 -2.17 2.18
HN2 A2G B . 2.65 -4.82 2.84
H3 A2G B . 4.34 -3.97 4.58
HO3 A2G B . 6.55 -3.51 3.59
H4 A2G B . 5.82 -2.21 5.36
HO4 A2G B . 5.91 -1.48 2.93
H5 A2G B . 3.47 -2.03 6.06
H61 A2G B . 4.08 0.80 5.34
H81 A2G B . 3.36 -6.25 0.40
H82 A2G B . 2.17 -5.40 -0.59
H83 A2G B . 1.75 -5.93 1.03
H62 A2G B . 3.67 0.10 6.91
HO6 A2G B . 5.71 -0.32 7.27
O5 A2G C . -5.60 -1.43 0.69
C1 A2G C . -4.57 -0.67 1.27
C2 A2G C . -5.18 0.47 2.10
N2 A2G C . -4.12 1.23 2.77
C3 A2G C . -6.14 -0.10 3.14
O3 A2G C . -6.79 0.96 3.82
C4 A2G C . -7.17 -0.97 2.44
O4 A2G C . -7.96 -0.17 1.57
C5 A2G C . -6.46 -2.05 1.62
C6 A2G C . -7.48 -2.90 0.87
O6 A2G C . -8.77 -2.66 1.39
C7 A2G C . -3.92 2.51 2.49
O7 A2G C . -4.60 3.13 1.67
C8 A2G C . -2.72 3.16 3.16
H1 A2G C . -3.97 -0.23 0.49
H2 A2G C . -5.72 1.13 1.44
HN2 A2G C . -3.53 0.78 3.41
H3 A2G C . -5.59 -0.70 3.85
HO3 A2G C . -6.15 1.65 3.97
H4 A2G C . -7.81 -1.44 3.17
HO4 A2G C . -8.12 -0.68 0.76
H5 A2G C . -5.88 -2.68 2.29
H61 A2G C . -7.46 -2.64 -0.18
H81 A2G C . -2.99 3.50 4.15
H82 A2G C . -2.38 4.01 2.57
H83 A2G C . -1.91 2.44 3.24
H62 A2G C . -7.24 -3.94 0.98
HO6 A2G C . -9.42 -2.95 0.74
O5 A2G D . 2.54 0.53 -3.79
C1 A2G D . 1.20 0.12 -3.59
C2 A2G D . 0.81 -0.81 -4.75
N2 A2G D . -0.57 -1.25 -4.58
C3 A2G D . 1.75 -2.01 -4.77
O3 A2G D . 1.47 -2.80 -5.92
C4 A2G D . 3.21 -1.52 -4.84
O4 A2G D . 3.43 -0.86 -6.07
C5 A2G D . 3.46 -0.54 -3.69
C6 A2G D . 4.87 0.02 -3.79
O6 A2G D . 5.69 -0.88 -4.52
C7 A2G D . -1.49 -0.98 -5.50
O7 A2G D . -1.25 -0.34 -6.53
C8 A2G D . -2.91 -1.47 -5.21
H1 A2G D . 0.55 0.98 -3.58
H2 A2G D . 0.90 -0.26 -5.68
HN2 A2G D . -0.82 -1.77 -3.79
H3 A2G D . 1.61 -2.60 -3.89
HO3 A2G D . 0.92 -3.53 -5.65
H4 A2G D . 3.87 -2.36 -4.74
HO4 A2G D . 3.38 0.08 -5.93
H5 A2G D . 3.33 -1.04 -2.73
H61 A2G D . 4.86 0.97 -4.30
H81 A2G D . -3.03 -2.46 -5.62
H82 A2G D . -3.63 -0.81 -5.65
H83 A2G D . -3.06 -1.51 -4.13
H62 A2G D . 5.28 0.16 -2.80
HO6 A2G D . 5.72 -1.71 -4.02
O5 A2G E . -4.17 6.21 -1.63
C1 A2G E . -2.80 5.86 -1.73
C2 A2G E . -2.01 6.84 -0.85
N2 A2G E . -0.58 6.56 -0.95
C3 A2G E . -2.48 6.69 0.59
O3 A2G E . -1.83 7.65 1.40
C4 A2G E . -3.99 6.90 0.66
O4 A2G E . -4.30 8.25 0.34
C5 A2G E . -4.69 5.97 -0.34
C6 A2G E . -6.19 6.28 -0.37
O6 A2G E . -6.54 7.01 0.80
C7 A2G E . 0.27 7.48 -1.39
O7 A2G E . -0.08 8.60 -1.72
C8 A2G E . 1.75 7.14 -1.24
H1 A2G E . -2.47 5.95 -2.76
H2 A2G E . -2.20 7.85 -1.18
HN2 A2G E . -0.25 5.67 -0.69
H3 A2G E . -2.25 5.70 0.96
HO3 A2G E . -0.99 7.28 1.70
H4 A2G E . -4.35 6.69 1.65
HO4 A2G E . -4.77 8.26 -0.50
H5 A2G E . -4.54 4.94 -0.06
H61 A2G E . -6.42 6.86 -1.25
H81 A2G E . 2.11 7.45 -0.27
H82 A2G E . 2.31 7.65 -2.02
H83 A2G E . 1.88 6.07 -1.35
H62 A2G E . -6.75 5.36 -0.39
HO6 A2G E . -7.43 6.74 1.05
C ACE A 1 3.02 -5.23 9.90
O ACE A 1 2.46 -4.40 9.19
CH3 ACE A 1 2.84 -5.22 11.41
H1 ACE A 1 2.21 -6.05 11.70
H2 ACE A 1 2.37 -4.29 11.72
H3 ACE A 1 3.80 -5.32 11.90
N PRO A 2 3.81 -6.15 9.41
CA PRO A 2 4.09 -6.28 7.95
C PRO A 2 2.82 -6.15 7.12
N PRO A 3 1.83 -6.93 7.43
CA PRO A 3 0.53 -6.94 6.69
C PRO A 3 0.02 -5.52 6.43
N THR A 4 0.39 -4.98 5.27
CA THR A 4 -0.03 -3.63 4.91
C THR A 4 -0.27 -3.53 3.41
N THR A 5 -1.27 -2.74 3.02
CA THR A 5 -1.60 -2.57 1.61
C THR A 5 -1.12 -1.21 1.12
N THR A 6 -0.60 -1.17 -0.11
CA THR A 6 -0.12 0.08 -0.69
C THR A 6 -1.12 0.60 -1.72
N THR A 7 -1.47 1.88 -1.59
CA THR A 7 -2.41 2.49 -2.53
C THR A 7 -1.67 3.33 -3.55
N LYS A 8 -1.91 3.04 -4.83
CA LYS A 8 -1.26 3.78 -5.91
C LYS A 8 0.23 3.91 -5.64
N LYS A 9 0.94 4.63 -6.52
CA LYS A 9 2.37 4.81 -6.37
C LYS A 9 2.91 5.73 -7.46
N PRO A 10 2.24 6.83 -7.71
CA PRO A 10 2.64 7.81 -8.74
C PRO A 10 4.14 8.10 -8.71
N NH2 A 11 4.63 8.81 -7.73
HN1 NH2 A 11 5.00 8.36 -6.95
HN2 NH2 A 11 4.63 9.79 -7.79
O5 A2G B . 3.15 -0.85 4.42
C1 A2G B . 2.72 -2.05 3.80
C2 A2G B . 3.91 -2.65 3.06
N2 A2G B . 3.51 -3.89 2.39
C3 A2G B . 5.04 -2.93 4.06
O3 A2G B . 6.20 -3.37 3.36
C4 A2G B . 5.37 -1.64 4.83
O4 A2G B . 5.92 -0.69 3.94
C5 A2G B . 4.08 -1.08 5.45
C6 A2G B . 4.40 0.25 6.14
O6 A2G B . 5.72 0.22 6.64
C7 A2G B . 3.60 -4.02 1.08
O7 A2G B . 4.03 -3.13 0.35
C8 A2G B . 3.12 -5.35 0.50
H1 A2G B . 1.93 -1.82 3.10
H2 A2G B . 4.26 -1.95 2.32
HN2 A2G B . 3.17 -4.63 2.94
H3 A2G B . 4.72 -3.69 4.75
HO3 A2G B . 6.47 -4.20 3.75
H4 A2G B . 6.08 -1.87 5.61
HO4 A2G B . 6.47 -0.09 4.45
H5 A2G B . 3.69 -1.79 6.16
H61 A2G B . 4.29 1.05 5.43
H81 A2G B . 3.67 -6.16 0.96
H82 A2G B . 3.29 -5.36 -0.57
H83 A2G B . 2.07 -5.47 0.70
H62 A2G B . 3.70 0.39 6.96
HO6 A2G B . 6.32 0.05 5.91
O5 A2G C . -5.38 -1.15 0.62
C1 A2G C . -4.31 -0.69 1.41
C2 A2G C . -4.83 0.39 2.35
N2 A2G C . -3.75 0.90 3.18
C3 A2G C . -5.93 -0.21 3.23
O3 A2G C . -6.51 0.81 4.02
C4 A2G C . -7.00 -0.84 2.35
O4 A2G C . -7.67 0.18 1.60
C5 A2G C . -6.35 -1.83 1.38
C6 A2G C . -7.41 -2.40 0.43
O6 A2G C . -8.67 -2.45 1.10
C7 A2G C . -3.40 2.18 3.14
O7 A2G C . -3.95 3.01 2.42
C8 A2G C . -2.21 2.57 4.00
H1 A2G C . -3.55 -0.26 0.77
H2 A2G C . -5.25 1.20 1.77
HN2 A2G C . -3.28 0.28 3.78
H3 A2G C . -5.51 -0.96 3.88
HO3 A2G C . -7.39 1.00 3.68
H4 A2G C . -7.73 -1.36 2.96
HO4 A2G C . -8.03 -0.23 0.81
H5 A2G C . -5.90 -2.64 1.94
H61 A2G C . -7.50 -1.76 -0.44
H81 A2G C . -2.53 2.74 5.01
H82 A2G C . -1.76 3.47 3.62
H83 A2G C . -1.47 1.78 3.99
H62 A2G C . -7.13 -3.40 0.13
HO6 A2G C . -8.60 -3.08 1.83
O5 A2G D . 2.67 -0.08 -3.81
C1 A2G D . 1.33 -0.49 -3.67
C2 A2G D . 1.02 -1.53 -4.74
N2 A2G D . -0.36 -1.97 -4.63
C3 A2G D . 1.97 -2.72 -4.57
O3 A2G D . 1.78 -3.63 -5.64
C4 A2G D . 3.41 -2.23 -4.56
O4 A2G D . 3.74 -1.71 -5.85
C5 A2G D . 3.57 -1.13 -3.51
C6 A2G D . 5.00 -0.56 -3.57
O6 A2G D . 5.83 -1.45 -4.32
C7 A2G D . -1.21 -1.81 -5.65
O7 A2G D . -0.89 -1.29 -6.71
C8 A2G D . -2.64 -2.27 -5.40
H1 A2G D . 0.67 0.37 -3.81
H2 A2G D . 1.18 -1.09 -5.71
HN2 A2G D . -0.68 -2.38 -3.81
H3 A2G D . 1.75 -3.21 -3.62
HO3 A2G D . 1.26 -3.20 -6.31
H4 A2G D . 4.08 -3.05 -4.32
HO4 A2G D . 3.26 -0.89 -5.97
H5 A2G D . 3.38 -1.52 -2.53
H61 A2G D . 4.99 0.41 -4.04
H81 A2G D . -2.78 -3.26 -5.78
H82 A2G D . -3.33 -1.59 -5.90
H83 A2G D . -2.84 -2.25 -4.34
H62 A2G D . 5.39 -0.48 -2.57
HO6 A2G D . 5.39 -1.62 -5.16
O5 A2G E . -4.24 6.14 -1.52
C1 A2G E . -2.95 5.67 -1.79
C2 A2G E . -1.94 6.69 -1.25
N2 A2G E . -0.58 6.24 -1.53
C3 A2G E . -2.15 6.86 0.25
O3 A2G E . -1.31 7.90 0.74
C4 A2G E . -3.61 7.22 0.52
O4 A2G E . -3.90 8.50 -0.01
C5 A2G E . -4.52 6.18 -0.14
C6 A2G E . -5.99 6.58 0.05
O6 A2G E . -6.14 7.23 1.30
C7 A2G E . 0.25 6.98 -2.26
O7 A2G E . -0.07 8.06 -2.76
C8 A2G E . 1.66 6.42 -2.44
H1 A2G E . -2.81 5.57 -2.86
H2 A2G E . -2.11 7.64 -1.75
HN2 A2G E . -0.27 5.39 -1.15
H3 A2G E . -1.91 5.94 0.75
HO3 A2G E . -0.49 7.88 0.24
H4 A2G E . -3.80 7.23 1.58
HO4 A2G E . -4.85 8.59 -0.08
H5 A2G E . -4.36 5.21 0.30
H61 A2G E . -6.29 7.24 -0.74
H81 A2G E . 2.27 6.68 -1.59
H82 A2G E . 2.09 6.84 -3.34
H83 A2G E . 1.60 5.34 -2.54
H62 A2G E . -6.62 5.69 0.03
HO6 A2G E . -6.82 6.77 1.80
C ACE A 1 4.72 -6.25 7.34
O ACE A 1 4.13 -6.93 6.51
CH3 ACE A 1 6.07 -5.63 7.03
H1 ACE A 1 5.96 -4.55 6.90
H2 ACE A 1 6.46 -6.05 6.11
H3 ACE A 1 6.76 -5.82 7.83
N PRO A 2 4.23 -6.04 8.54
CA PRO A 2 2.92 -6.59 8.99
C PRO A 2 1.84 -6.46 7.93
N PRO A 3 0.78 -7.21 8.06
CA PRO A 3 -0.35 -7.19 7.11
C PRO A 3 -0.77 -5.76 6.75
N THR A 4 -0.31 -5.28 5.61
CA THR A 4 -0.65 -3.94 5.15
C THR A 4 -0.77 -3.88 3.64
N THR A 5 -1.61 -2.97 3.14
CA THR A 5 -1.79 -2.83 1.71
C THR A 5 -1.07 -1.59 1.18
N THR A 6 -0.48 -1.71 0.00
CA THR A 6 0.24 -0.59 -0.60
C THR A 6 -0.59 0.03 -1.72
N THR A 7 -0.75 1.35 -1.69
CA THR A 7 -1.52 2.03 -2.71
C THR A 7 -0.60 2.68 -3.74
N LYS A 8 -1.11 2.86 -4.96
CA LYS A 8 -0.32 3.46 -6.03
C LYS A 8 -0.32 4.98 -5.89
N LYS A 9 0.86 5.58 -5.90
CA LYS A 9 0.99 7.02 -5.77
C LYS A 9 0.33 7.72 -6.96
N PRO A 10 -0.08 8.94 -6.76
CA PRO A 10 -0.75 9.74 -7.84
C PRO A 10 -0.03 9.62 -9.17
N NH2 A 11 -0.69 9.84 -10.28
HN1 NH2 A 11 -0.87 9.10 -10.90
HN2 NH2 A 11 -1.02 10.74 -10.48
O5 A2G B . 2.70 -1.27 4.99
C1 A2G B . 2.32 -2.45 4.30
C2 A2G B . 3.57 -3.11 3.72
N2 A2G B . 3.22 -4.35 3.03
C3 A2G B . 4.57 -3.40 4.84
O3 A2G B . 5.78 -3.91 4.28
C4 A2G B . 4.86 -2.11 5.59
O4 A2G B . 5.51 -1.19 4.72
C5 A2G B . 3.55 -1.51 6.09
C6 A2G B . 3.83 -0.18 6.79
O6 A2G B . 5.13 -0.20 7.35
C7 A2G B . 3.45 -4.51 1.73
O7 A2G B . 3.97 -3.64 1.03
C8 A2G B . 3.03 -5.84 1.13
H1 A2G B . 1.65 -2.19 3.49
H2 A2G B . 4.03 -2.43 3.01
HN2 A2G B . 2.79 -5.07 3.53
H3 A2G B . 4.15 -4.13 5.51
HO3 A2G B . 6.34 -4.20 5.01
H4 A2G B . 5.51 -2.32 6.44
HO4 A2G B . 5.50 -1.56 3.84
H5 A2G B . 3.08 -2.19 6.78
H61 A2G B . 3.75 0.63 6.08
H81 A2G B . 3.83 -6.56 1.25
H82 A2G B . 2.82 -5.71 0.08
H83 A2G B . 2.14 -6.19 1.63
H62 A2G B . 3.10 -0.03 7.58
HO6 A2G B . 5.72 0.23 6.73
O5 A2G C . -5.21 -0.89 0.33
C1 A2G C . -4.15 -0.55 1.21
C2 A2G C . -4.58 0.64 2.05
N2 A2G C . -3.50 1.03 2.95
C3 A2G C . -5.82 0.25 2.85
O3 A2G C . -6.31 1.39 3.56
C4 A2G C . -6.91 -0.25 1.90
O4 A2G C . -7.35 0.81 1.08
C5 A2G C . -6.34 -1.38 1.03
C6 A2G C . -7.39 -1.81 0.01
O6 A2G C . -8.68 -1.49 0.49
C7 A2G C . -2.93 2.23 2.87
O7 A2G C . -3.28 3.07 2.04
C8 A2G C . -1.76 2.48 3.81
H1 A2G C . -3.28 -0.28 0.62
H2 A2G C . -4.82 1.47 1.41
HN2 A2G C . -3.17 0.39 3.62
H3 A2G C . -5.57 -0.53 3.56
HO3 A2G C . -6.78 1.08 4.34
H4 A2G C . -7.74 -0.63 2.48
HO4 A2G C . -7.81 1.44 1.62
H5 A2G C . -6.06 -2.21 1.64
H61 A2G C . -7.21 -1.31 -0.93
H81 A2G C . -2.12 2.91 4.73
H82 A2G C . -1.07 3.16 3.34
H83 A2G C . -1.25 1.54 4.01
H62 A2G C . -7.32 -2.88 -0.15
HO6 A2G C . -9.02 -0.75 -0.04
O5 A2G D . 3.08 -1.16 -3.62
C1 A2G D . 1.68 -1.34 -3.49
C2 A2G D . 1.22 -2.28 -4.60
N2 A2G D . -0.22 -2.50 -4.51
C3 A2G D . 1.96 -3.62 -4.48
O3 A2G D . 1.64 -4.45 -5.58
C4 A2G D . 3.47 -3.36 -4.46
O4 A2G D . 3.88 -2.86 -5.72
C5 A2G D . 3.81 -2.35 -3.36
C6 A2G D . 5.30 -2.02 -3.40
O6 A2G D . 5.98 -3.04 -4.12
C7 A2G D . -1.03 -2.13 -5.50
O7 A2G D . -0.64 -1.60 -6.53
C8 A2G D . -2.50 -2.48 -5.31
H1 A2G D . 1.18 -0.40 -3.59
H2 A2G D . 1.45 -1.84 -5.56
HN2 A2G D . -0.59 -2.91 -3.70
H3 A2G D . 1.67 -4.10 -3.56
HO3 A2G D . 2.45 -4.72 -6.00
H4 A2G D . 3.99 -4.29 -4.25
HO4 A2G D . 3.11 -2.45 -6.14
H5 A2G D . 3.54 -2.75 -2.40
H61 A2G D . 5.45 -1.07 -3.89
H81 A2G D . -2.73 -3.41 -5.81
H82 A2G D . -3.11 -1.69 -5.73
H83 A2G D . -2.73 -2.58 -4.25
H62 A2G D . 5.67 -1.97 -2.39
HO6 A2G D . 5.85 -3.87 -3.66
O5 A2G E . -2.70 5.98 -1.95
C1 A2G E . -1.49 5.27 -2.02
C2 A2G E . -0.41 6.10 -1.31
N2 A2G E . 0.87 5.38 -1.33
C3 A2G E . -0.84 6.35 0.14
O3 A2G E . 0.09 7.23 0.76
C4 A2G E . -2.23 6.99 0.16
O4 A2G E . -2.17 8.28 -0.43
C5 A2G E . -3.19 6.10 -0.65
C6 A2G E . -4.57 6.78 -0.70
O6 A2G E . -4.79 7.50 0.51
C7 A2G E . 1.86 5.78 -2.13
O7 A2G E . 1.76 6.75 -2.89
C8 A2G E . 3.20 5.07 -1.94
H1 A2G E . -1.20 5.12 -3.05
H2 A2G E . -0.30 7.05 -1.82
HN2 A2G E . 0.93 4.51 -0.90
H3 A2G E . -0.86 5.42 0.68
HO3 A2G E . 0.97 6.86 0.65
H4 A2G E . -2.57 7.06 1.18
HO4 A2G E . -1.49 8.77 0.04
H5 A2G E . -3.28 5.14 -0.18
H61 A2G E . -4.61 7.44 -1.54
H81 A2G E . 3.67 5.42 -1.03
H82 A2G E . 3.84 5.29 -2.78
H83 A2G E . 3.04 4.00 -1.89
H62 A2G E . -5.34 6.02 -0.80
HO6 A2G E . -5.34 6.97 1.08
C ACE A 1 3.96 -6.29 10.99
O ACE A 1 4.46 -7.12 10.23
CH3 ACE A 1 4.83 -5.41 11.88
H1 ACE A 1 4.74 -5.75 12.90
H2 ACE A 1 4.49 -4.39 11.81
H3 ACE A 1 5.85 -5.48 11.55
N PRO A 2 2.66 -6.12 11.06
CA PRO A 2 1.69 -6.90 10.24
C PRO A 2 1.66 -6.44 8.78
N PRO A 3 1.11 -7.24 7.92
CA PRO A 3 1.01 -6.93 6.46
C PRO A 3 0.55 -5.49 6.21
N THR A 4 0.89 -4.96 5.05
CA THR A 4 0.51 -3.60 4.70
C THR A 4 0.21 -3.49 3.20
N THR A 5 -0.87 -2.80 2.87
CA THR A 5 -1.26 -2.63 1.47
C THR A 5 -0.94 -1.22 0.99
N THR A 6 -0.48 -1.11 -0.25
CA THR A 6 -0.14 0.19 -0.82
C THR A 6 -1.21 0.64 -1.81
N THR A 7 -1.30 1.95 -2.03
CA THR A 7 -2.28 2.49 -2.95
C THR A 7 -1.68 3.62 -3.79
N LYS A 8 -1.74 3.45 -5.10
CA LYS A 8 -1.19 4.46 -6.00
C LYS A 8 0.34 4.41 -5.99
N LYS A 9 0.95 5.08 -6.97
CA LYS A 9 2.40 5.09 -7.06
C LYS A 9 3.01 5.79 -5.85
N PRO A 10 4.23 5.46 -5.53
CA PRO A 10 4.95 6.04 -4.36
C PRO A 10 4.75 7.56 -4.28
N NH2 A 11 3.92 8.06 -3.40
HN1 NH2 A 11 4.09 8.94 -3.01
HN2 NH2 A 11 3.12 7.56 -3.15
O5 A2G B . 3.66 -0.87 3.99
C1 A2G B . 3.22 -2.07 3.41
C2 A2G B . 4.36 -2.68 2.60
N2 A2G B . 3.94 -3.94 1.99
C3 A2G B . 5.56 -2.92 3.53
O3 A2G B . 6.67 -3.36 2.76
C4 A2G B . 5.91 -1.63 4.26
O4 A2G B . 6.38 -0.67 3.32
C5 A2G B . 4.66 -1.08 4.95
C6 A2G B . 4.99 0.26 5.62
O6 A2G B . 6.36 0.27 6.01
C7 A2G B . 3.74 -4.03 0.69
O7 A2G B . 3.89 -3.08 -0.07
C8 A2G B . 3.19 -5.37 0.16
H1 A2G B . 2.38 -1.87 2.74
H2 A2G B . 4.65 -1.99 1.82
HN2 A2G B . 3.66 -4.69 2.57
H3 A2G B . 5.31 -3.68 4.25
HO3 A2G B . 7.25 -2.60 2.63
H4 A2G B . 6.68 -1.82 4.99
HO4 A2G B . 5.95 -0.84 2.48
H5 A2G B . 4.33 -1.78 5.70
H61 A2G B . 4.81 1.06 4.91
H81 A2G B . 3.86 -6.16 0.47
H82 A2G B . 3.15 -5.34 -0.91
H83 A2G B . 2.21 -5.55 0.57
H62 A2G B . 4.36 0.39 6.48
HO6 A2G B . 6.74 1.10 5.71
O5 A2G C . -5.20 -1.60 0.47
C1 A2G C . -4.12 -1.00 1.13
C2 A2G C . -4.65 0.18 1.94
N2 A2G C . -3.55 0.84 2.64
C3 A2G C . -5.68 -0.34 2.96
O3 A2G C . -6.27 0.76 3.63
C4 A2G C . -6.76 -1.13 2.22
O4 A2G C . -7.51 -0.25 1.39
C5 A2G C . -6.11 -2.21 1.36
C6 A2G C . -7.18 -2.96 0.56
O6 A2G C . -8.46 -2.68 1.10
C7 A2G C . -3.25 2.11 2.40
O7 A2G C . -3.86 2.80 1.58
C8 A2G C . -2.20 2.73 3.30
H1 A2G C . -3.41 -0.63 0.39
H2 A2G C . -5.13 0.88 1.29
HN2 A2G C . -3.02 0.34 3.29
H3 A2G C . -5.19 -0.98 3.68
HO3 A2G C . -6.70 1.32 2.97
H4 A2G C . -7.43 -1.59 2.94
HO4 A2G C . -8.43 -0.48 1.46
H5 A2G C . -5.58 -2.91 2.01
H61 A2G C . -7.14 -2.63 -0.47
H81 A2G C . -2.68 3.30 4.08
H82 A2G C . -1.56 3.39 2.72
H83 A2G C . -1.59 1.96 3.75
H62 A2G C . -6.99 -4.02 0.60
HO6 A2G C . -8.55 -1.72 1.17
O5 A2G D . 2.39 0.44 -4.16
C1 A2G D . 1.10 -0.06 -3.87
C2 A2G D . 0.71 -1.04 -4.99
N2 A2G D . -0.62 -1.58 -4.73
C3 A2G D . 1.74 -2.18 -5.05
O3 A2G D . 1.45 -3.02 -6.15
C4 A2G D . 3.13 -1.59 -5.20
O4 A2G D . 3.24 -0.95 -6.46
C5 A2G D . 3.38 -0.56 -4.09
C6 A2G D . 4.75 0.10 -4.29
O6 A2G D . 5.65 -0.84 -4.85
C7 A2G D . -1.61 -1.40 -5.59
O7 A2G D . -1.48 -0.79 -6.66
C8 A2G D . -2.91 -2.14 -5.28
H1 A2G D . 0.40 0.75 -3.85
H2 A2G D . 0.70 -0.52 -5.93
HN2 A2G D . -0.79 -2.08 -3.91
H3 A2G D . 1.69 -2.75 -4.13
HO3 A2G D . 0.49 -3.12 -6.21
H4 A2G D . 3.87 -2.37 -5.13
HO4 A2G D . 4.15 -1.02 -6.77
H5 A2G D . 3.36 -1.05 -3.13
H61 A2G D . 4.65 0.94 -4.97
H81 A2G D . -2.80 -3.19 -5.48
H82 A2G D . -3.71 -1.73 -5.90
H83 A2G D . -3.17 -1.99 -4.24
H62 A2G D . 5.13 0.43 -3.35
HO6 A2G D . 5.46 -1.70 -4.47
O5 A2G E . -4.85 5.56 -1.54
C1 A2G E . -3.49 5.35 -1.82
C2 A2G E . -2.70 6.44 -1.09
N2 A2G E . -1.27 6.27 -1.36
C3 A2G E . -2.97 6.34 0.41
O3 A2G E . -2.33 7.42 1.08
C4 A2G E . -4.47 6.41 0.66
O4 A2G E . -4.96 7.69 0.30
C5 A2G E . -5.18 5.35 -0.19
C6 A2G E . -6.69 5.47 -0.01
O6 A2G E . -7.01 5.59 1.37
C7 A2G E . -0.58 7.22 -1.98
O7 A2G E . -1.09 8.27 -2.38
C8 A2G E . 0.84 6.84 -2.40
H1 A2G E . -3.32 5.43 -2.88
H2 A2G E . -3.01 7.41 -1.45
HN2 A2G E . -0.82 5.45 -1.08
H3 A2G E . -2.59 5.41 0.79
HO3 A2G E . -3.01 7.92 1.53
H4 A2G E . -4.69 6.23 1.70
HO4 A2G E . -5.78 7.85 0.77
H5 A2G E . -4.86 4.36 0.12
H61 A2G E . -7.05 6.35 -0.54
H81 A2G E . 1.26 6.16 -1.67
H82 A2G E . 1.45 7.73 -2.43
H83 A2G E . 0.83 6.37 -3.36
H62 A2G E . -7.18 4.59 -0.42
HO6 A2G E . -7.96 5.72 1.44
C ACE A 1 0.79 -7.77 11.29
O ACE A 1 1.51 -8.25 10.41
CH3 ACE A 1 1.38 -7.33 12.63
H1 ACE A 1 0.77 -7.71 13.43
H2 ACE A 1 1.42 -6.25 12.66
H3 ACE A 1 2.38 -7.72 12.72
N PRO A 2 -0.50 -7.62 11.14
CA PRO A 2 -1.21 -8.02 9.89
C PRO A 2 -0.47 -7.56 8.64
N PRO A 3 -1.01 -7.86 7.49
CA PRO A 3 -0.39 -7.48 6.19
C PRO A 3 -0.58 -6.01 5.87
N THR A 4 0.50 -5.34 5.51
CA THR A 4 0.44 -3.92 5.19
C THR A 4 0.28 -3.71 3.68
N THR A 5 -0.55 -2.75 3.30
CA THR A 5 -0.78 -2.47 1.89
C THR A 5 -0.07 -1.17 1.48
N THR A 6 0.49 -1.18 0.27
CA THR A 6 1.19 0.00 -0.23
C THR A 6 0.35 0.72 -1.28
N THR A 7 0.68 1.98 -1.53
CA THR A 7 -0.05 2.78 -2.51
C THR A 7 0.90 3.62 -3.35
N LYS A 8 0.46 4.03 -4.52
CA LYS A 8 1.28 4.83 -5.41
C LYS A 8 0.42 5.60 -6.41
N LYS A 9 0.68 6.89 -6.56
CA LYS A 9 -0.08 7.72 -7.49
C LYS A 9 -1.42 7.07 -7.81
N PRO A 10 -2.34 7.10 -6.88
CA PRO A 10 -3.69 6.51 -7.06
C PRO A 10 -4.58 7.37 -7.95
N NH2 A 11 -4.03 8.15 -8.84
HN1 NH2 A 11 -3.14 8.51 -8.69
HN2 NH2 A 11 -4.52 8.36 -9.67
O5 A2G B . 3.98 -1.77 4.68
C1 A2G B . 3.39 -2.88 4.05
C2 A2G B . 4.47 -3.62 3.27
N2 A2G B . 3.90 -4.78 2.59
C3 A2G B . 5.56 -4.07 4.25
O3 A2G B . 6.63 -4.66 3.51
C4 A2G B . 6.08 -2.86 5.03
O4 A2G B . 6.74 -1.97 4.14
C5 A2G B . 4.89 -2.14 5.68
C6 A2G B . 5.39 -0.88 6.40
O6 A2G B . 6.63 -1.15 7.04
C7 A2G B . 3.92 -4.88 1.26
O7 A2G B . 4.43 -4.02 0.54
C8 A2G B . 3.18 -6.07 0.67
H1 A2G B . 2.62 -2.53 3.37
H2 A2G B . 4.90 -2.96 2.53
HN2 A2G B . 3.48 -5.48 3.11
H3 A2G B . 5.16 -4.80 4.93
HO3 A2G B . 6.65 -4.26 2.64
H4 A2G B . 6.77 -3.20 5.79
HO4 A2G B . 7.68 -2.10 4.25
H5 A2G B . 4.42 -2.80 6.39
H61 A2G B . 5.52 -0.09 5.68
H81 A2G B . 3.72 -6.98 0.90
H82 A2G B . 3.12 -5.95 -0.41
H83 A2G B . 2.19 -6.12 1.09
H62 A2G B . 4.67 -0.59 7.14
HO6 A2G B . 6.63 -2.08 7.29
O5 A2G C . -4.29 -0.51 0.67
C1 A2G C . -3.13 -0.17 1.40
C2 A2G C . -3.45 1.09 2.23
N2 A2G C . -2.28 1.49 2.99
C3 A2G C . -4.62 0.80 3.16
O3 A2G C . -5.00 1.99 3.83
C4 A2G C . -5.80 0.27 2.35
O4 A2G C . -6.28 1.31 1.50
C5 A2G C . -5.36 -0.92 1.50
C6 A2G C . -6.51 -1.39 0.61
O6 A2G C . -7.74 -1.04 1.23
C7 A2G C . -1.70 2.68 2.82
O7 A2G C . -2.11 3.50 2.00
C8 A2G C . -0.46 2.95 3.67
H1 A2G C . -2.32 0.04 0.73
H2 A2G C . -3.72 1.89 1.55
HN2 A2G C . -1.90 0.87 3.66
H3 A2G C . -4.33 0.05 3.89
HO3 A2G C . -4.23 2.56 3.88
H4 A2G C . -6.59 -0.04 3.01
HO4 A2G C . -5.62 1.46 0.82
H5 A2G C . -5.03 -1.73 2.14
H61 A2G C . -6.44 -0.92 -0.35
H81 A2G C . -0.76 3.40 4.60
H82 A2G C . 0.19 3.63 3.13
H83 A2G C . 0.06 2.03 3.86
H62 A2G C . -6.46 -2.46 0.50
HO6 A2G C . -7.77 -1.44 2.09
O5 A2G D . 3.98 -0.30 -3.37
C1 A2G D . 2.59 -0.42 -3.19
C2 A2G D . 2.01 -1.18 -4.40
N2 A2G D . 0.57 -1.32 -4.25
C3 A2G D . 2.67 -2.56 -4.48
O3 A2G D . 2.24 -3.22 -5.67
C4 A2G D . 4.20 -2.40 -4.51
O4 A2G D . 4.57 -1.75 -5.72
C5 A2G D . 4.64 -1.55 -3.32
C6 A2G D . 6.15 -1.32 -3.39
O6 A2G D . 6.77 -2.44 -4.00
C7 A2G D . -0.26 -0.80 -5.15
O7 A2G D . 0.12 -0.19 -6.14
C8 A2G D . -1.75 -1.05 -4.91
H1 A2G D . 2.14 0.55 -3.14
H2 A2G D . 2.23 -0.62 -5.30
HN2 A2G D . 0.21 -1.79 -3.48
H3 A2G D . 2.39 -3.15 -3.62
HO3 A2G D . 2.41 -2.63 -6.41
H4 A2G D . 4.66 -3.37 -4.46
HO4 A2G D . 4.66 -2.42 -6.39
H5 A2G D . 4.39 -2.06 -2.40
H61 A2G D . 6.35 -0.43 -3.98
H81 A2G D . -2.01 -2.04 -5.22
H82 A2G D . -2.32 -0.34 -5.49
H83 A2G D . -1.97 -0.91 -3.87
H62 A2G D . 6.54 -1.18 -2.39
HO6 A2G D . 6.74 -3.16 -3.39
O5 A2G E . -1.68 6.54 -1.47
C1 A2G E . -0.41 5.95 -1.68
C2 A2G E . 0.65 6.84 -1.06
N2 A2G E . 1.97 6.27 -1.26
C3 A2G E . 0.37 6.99 0.44
O3 A2G E . 1.27 7.92 1.01
C4 A2G E . -1.07 7.48 0.64
O4 A2G E . -1.18 8.80 0.13
C5 A2G E . -2.03 6.57 -0.10
C6 A2G E . -3.46 7.11 0.03
O6 A2G E . -3.53 7.99 1.13
C7 A2G E . 2.92 6.94 -1.93
O7 A2G E . 2.73 8.05 -2.40
C8 A2G E . 4.25 6.22 -2.09
H1 A2G E . -0.23 5.87 -2.75
H2 A2G E . 0.61 7.82 -1.51
HN2 A2G E . 2.18 5.38 -0.91
H3 A2G E . 0.49 6.03 0.93
HO3 A2G E . 0.96 8.80 0.80
H4 A2G E . -1.30 7.47 1.70
HO4 A2G E . -1.42 9.38 0.88
H5 A2G E . -1.98 5.56 0.32
H61 A2G E . -3.73 7.64 -0.88
H81 A2G E . 4.93 6.54 -1.31
H82 A2G E . 4.68 6.47 -3.06
H83 A2G E . 4.10 5.15 -2.03
H62 A2G E . -4.15 6.28 0.18
HO6 A2G E . -4.44 8.28 1.22
C ACE A 1 -0.29 -6.67 11.41
O ACE A 1 0.73 -6.97 10.78
CH3 ACE A 1 -0.20 -5.99 12.77
H1 ACE A 1 -0.87 -6.48 13.46
H2 ACE A 1 -0.47 -4.95 12.67
H3 ACE A 1 0.81 -6.06 13.14
N PRO A 2 -1.48 -6.91 10.95
CA PRO A 2 -1.72 -7.57 9.63
C PRO A 2 -0.83 -7.00 8.53
N PRO A 3 -0.70 -7.72 7.44
CA PRO A 3 0.14 -7.28 6.29
C PRO A 3 -0.07 -5.81 5.94
N THR A 4 0.99 -5.15 5.49
CA THR A 4 0.91 -3.75 5.12
C THR A 4 0.65 -3.60 3.63
N THR A 5 -0.28 -2.71 3.28
CA THR A 5 -0.62 -2.47 1.89
C THR A 5 -0.04 -1.15 1.41
N THR A 6 0.44 -1.14 0.16
CA THR A 6 1.03 0.08 -0.40
C THR A 6 0.05 0.73 -1.38
N THR A 7 0.08 2.06 -1.44
CA THR A 7 -0.79 2.79 -2.34
C THR A 7 -0.04 3.22 -3.60
N LYS A 8 -0.57 2.85 -4.75
CA LYS A 8 0.06 3.20 -6.02
C LYS A 8 -0.29 4.63 -6.42
N LYS A 9 0.08 5.58 -5.57
CA LYS A 9 -0.21 6.98 -5.84
C LYS A 9 -1.36 7.11 -6.84
N PRO A 10 -2.51 6.63 -6.47
CA PRO A 10 -3.72 6.68 -7.34
C PRO A 10 -3.90 8.05 -7.98
N NH2 A 11 -4.77 8.20 -8.94
HN1 NH2 A 11 -5.64 7.74 -8.89
HN2 NH2 A 11 -4.56 8.77 -9.71
O5 A2G B . 4.39 -1.60 4.28
C1 A2G B . 3.73 -2.71 3.72
C2 A2G B . 4.72 -3.47 2.84
N2 A2G B . 4.08 -4.62 2.23
C3 A2G B . 5.92 -3.90 3.68
O3 A2G B . 6.91 -4.47 2.85
C4 A2G B . 6.51 -2.69 4.41
O4 A2G B . 7.09 -1.80 3.47
C5 A2G B . 5.40 -1.96 5.19
C6 A2G B . 5.96 -0.70 5.84
O6 A2G B . 7.38 -0.68 5.67
C7 A2G B . 4.01 -4.76 0.91
O7 A2G B . 4.46 -3.92 0.12
C8 A2G B . 3.29 -6.00 0.40
H1 A2G B . 2.90 -2.37 3.11
H2 A2G B . 5.08 -2.80 2.05
HN2 A2G B . 3.70 -5.32 2.80
H3 A2G B . 5.60 -4.64 4.40
HO3 A2G B . 7.05 -3.87 2.11
H4 A2G B . 7.26 -3.02 5.11
HO4 A2G B . 6.41 -1.18 3.19
H5 A2G B . 5.00 -2.62 5.95
H61 A2G B . 5.53 0.17 5.36
H81 A2G B . 4.00 -6.80 0.28
H82 A2G B . 2.83 -5.78 -0.55
H83 A2G B . 2.53 -6.29 1.10
H62 A2G B . 5.73 -0.70 6.88
HO6 A2G B . 7.73 -1.50 6.00
O5 A2G C . -4.28 -0.70 0.93
C1 A2G C . -3.14 -0.33 1.68
C2 A2G C . -3.52 0.83 2.60
N2 A2G C . -2.37 1.26 3.38
C3 A2G C . -4.65 0.38 3.53
O3 A2G C . -5.11 1.49 4.28
C4 A2G C . -5.81 -0.18 2.69
O4 A2G C . -6.40 0.87 1.95
C5 A2G C . -5.29 -1.25 1.74
C6 A2G C . -6.42 -1.73 0.84
O6 A2G C . -7.64 -1.75 1.57
C7 A2G C . -1.89 2.50 3.28
O7 A2G C . -2.39 3.35 2.54
C8 A2G C . -0.64 2.79 4.10
H1 A2G C . -2.35 -0.01 1.00
H2 A2G C . -3.87 1.66 1.99
HN2 A2G C . -1.94 0.62 3.98
H3 A2G C . -4.28 -0.38 4.19
HO3 A2G C . -4.61 2.26 4.02
H4 A2G C . -6.55 -0.61 3.35
HO4 A2G C . -5.71 1.47 1.68
H5 A2G C . -4.90 -2.09 2.31
H61 A2G C . -6.53 -1.07 0.00
H81 A2G C . -0.87 3.57 4.83
H82 A2G C . 0.14 3.14 3.44
H83 A2G C . -0.32 1.90 4.61
H62 A2G C . -6.21 -2.73 0.48
HO6 A2G C . -7.67 -2.55 2.09
O5 A2G D . 3.49 -0.25 -3.74
C1 A2G D . 2.16 -0.58 -3.44
C2 A2G D . 1.67 -1.61 -4.47
N2 A2G D . 0.29 -1.98 -4.21
C3 A2G D . 2.58 -2.83 -4.43
O3 A2G D . 2.22 -3.73 -5.47
C4 A2G D . 4.04 -2.41 -4.59
O4 A2G D . 4.23 -1.89 -5.91
C5 A2G D . 4.38 -1.33 -3.57
C6 A2G D . 5.81 -0.83 -3.79
O6 A2G D . 6.48 -1.70 -4.69
C7 A2G D . -0.66 -1.77 -5.10
O7 A2G D . -0.46 -1.25 -6.20
C8 A2G D . -2.05 -2.26 -4.72
H1 A2G D . 1.53 0.30 -3.49
H2 A2G D . 1.74 -1.16 -5.46
HN2 A2G D . 0.07 -2.39 -3.34
H3 A2G D . 2.46 -3.33 -3.47
HO3 A2G D . 2.86 -3.62 -6.18
H4 A2G D . 4.68 -3.26 -4.45
HO4 A2G D . 4.80 -2.50 -6.39
H5 A2G D . 4.29 -1.73 -2.58
H61 A2G D . 5.78 0.17 -4.21
H81 A2G D . -2.29 -3.16 -5.25
H82 A2G D . -2.78 -1.50 -4.98
H83 A2G D . -2.10 -2.43 -3.65
H62 A2G D . 6.33 -0.81 -2.85
HO6 A2G D . 5.89 -1.90 -5.42
O5 A2G E . -1.39 6.90 -1.82
C1 A2G E . -0.31 6.06 -2.13
C2 A2G E . 0.99 6.84 -1.89
N2 A2G E . 2.15 6.02 -2.21
C3 A2G E . 1.03 7.25 -0.40
O3 A2G E . 2.16 8.10 -0.19
C4 A2G E . -0.24 8.02 -0.05
O4 A2G E . -0.28 9.25 -0.74
C5 A2G E . -1.47 7.19 -0.45
C6 A2G E . -2.75 7.99 -0.19
O6 A2G E . -2.40 9.27 0.31
C7 A2G E . 3.02 6.40 -3.14
O7 A2G E . 2.91 7.46 -3.76
C8 A2G E . 4.16 5.44 -3.41
H1 A2G E . -0.34 5.79 -3.18
H2 A2G E . 0.99 7.72 -2.50
HN2 A2G E . 2.28 5.18 -1.74
H3 A2G E . 1.12 6.37 0.22
HO3 A2G E . 2.59 8.24 -1.03
H4 A2G E . -0.27 8.20 1.02
HO4 A2G E . -0.62 9.10 -1.62
H5 A2G E . -1.50 6.28 0.12
H61 A2G E . -3.30 8.11 -1.10
H81 A2G E . 5.10 5.90 -3.15
H82 A2G E . 4.18 5.19 -4.47
H83 A2G E . 4.03 4.54 -2.84
H62 A2G E . -3.36 7.48 0.54
HO6 A2G E . -2.43 9.89 -0.42
#